data_2XVL
#
_entry.id   2XVL
#
_cell.length_a   157.653
_cell.length_b   157.653
_cell.length_c   226.688
_cell.angle_alpha   90.00
_cell.angle_beta   90.00
_cell.angle_gamma   120.00
#
_symmetry.space_group_name_H-M   'P 63 2 2'
#
loop_
_entity.id
_entity.type
_entity.pdbx_description
1 polymer 'ALPHA-XYLOSIDASE, PUTATIVE, XYL31A'
2 non-polymer 'NICKEL (II) ION'
3 non-polymer 'SULFATE ION'
4 non-polymer 'CHLORIDE ION'
5 non-polymer (2S)-1-[3-{[(2R)-2-hydroxypropyl]oxy}-2,2-bis({[(2R)-2-hydroxypropyl]oxy}methyl)propoxy]propan-2-ol
6 water water
#
_entity_poly.entity_id   1
_entity_poly.type   'polypeptide(L)'
_entity_poly.pdbx_seq_one_letter_code
;MLSAHQWLRHCIIGVASVALLQACSKQTGNESSSSAKSATEQVKALAQVERTAEGVVLTLPEGTVKKLRLQVMGERIIRV
TALPGTDFGIVPESIQVVAKPATNVPFSVDQAGEKLVLKTSQVSAEVSLLDGTVSFRDAKGNVLLQEENRGTFSPVIHDP
DPVDADSYALRQEFNRGSDEGFFGLGQHQNGQVNYAGENVELTTYNLVISIPFLVSSRNYGLLWDNNSITRFGDPREAQP
LNQSLKLYDAEGKEGGLTVRYFVGDELKLTRVEADFNHQFYKQGNELENPFPEEVAGAYKNNTLRIELEGSIEAQATGKH
QFKMYNSGYAQLSLDGEVVLDRWRMNWNPWYHNFYRELNAGDKHKLKVSWKPDGGFFHLRHLDPLPANEQHELSLASETG
KAIDYYFVAGDTKDDIISGYRQLTGKSVMLPKWAYGFWQSRERYKSSDEIIQNLKEYRDRKIPIDNIVLDWSYWPEDAWG
SHDFDKQFFPDPKALVDKVHAMNAQIMISVWPKFYPTTDNYKELNAKGFMFNRNLDEKNLDWIGKGYLNAFYDPFSPEAT
AIFWKQIRDKINVHGFDAWWLDAVEPDIHSNLTFEKRKWLMTPNARGNGAEIFNAYAVPHAEGVYQGELATDGDKRSFIL
TRSGFGGIQRTGSAIWSGDIVSRWSDMKDQIAAGIGTNLAGVTNWTFDIGGFTPEDRFRHGKKGFVGSWTALDAEQVDEW
QELNTRWYQFGAFVPLYRSHGQNPYREIFNIADEGTEVYNAMVWYTKLRYYLMPYIYTLGGDTYHKDGTIMRGLVMDFPN
DRKAWDINTQYMFGPAFLVNPVYEYKARSRDVYLPAGSDWYNFYTGEKLAGGQTITADAPLARVPLFVKAGAIVPTGPLI
QHVDEGLNSPLLITVYTGANGSFDIYEDDGRSLKYQQGEWSRIPLSYDDVTGTLIIGDRVGSFTGMADERNIRVRFIAGP
TADATNFDKAAAEAVTYTGKSVSIKRPRKVVINSKLEGKPIPNPLLGLDSTRTGHHHHHH
;
_entity_poly.pdbx_strand_id   A
#
loop_
_chem_comp.id
_chem_comp.type
_chem_comp.name
_chem_comp.formula
CL non-polymer 'CHLORIDE ION' 'Cl -1'
NI non-polymer 'NICKEL (II) ION' 'Ni 2'
PXN non-polymer (2S)-1-[3-{[(2R)-2-hydroxypropyl]oxy}-2,2-bis({[(2R)-2-hydroxypropyl]oxy}methyl)propoxy]propan-2-ol 'C17 H36 O8'
SO4 non-polymer 'SULFATE ION' 'O4 S -2'
#
# COMPACT_ATOMS: atom_id res chain seq x y z
N ALA A 45 5.19 47.06 -3.82
CA ALA A 45 3.77 46.99 -4.14
C ALA A 45 3.11 45.76 -3.49
N LEU A 46 1.96 45.96 -2.84
CA LEU A 46 1.27 44.88 -2.14
C LEU A 46 0.25 44.19 -3.03
N ALA A 47 0.02 42.90 -2.78
CA ALA A 47 -0.93 42.14 -3.57
C ALA A 47 -2.36 42.62 -3.32
N GLN A 48 -3.16 42.69 -4.38
CA GLN A 48 -4.58 42.96 -4.27
C GLN A 48 -5.29 41.73 -3.72
N VAL A 49 -6.32 41.96 -2.91
CA VAL A 49 -7.05 40.89 -2.28
C VAL A 49 -8.52 40.91 -2.63
N GLU A 50 -9.04 39.78 -3.10
CA GLU A 50 -10.47 39.66 -3.33
C GLU A 50 -11.07 38.69 -2.33
N ARG A 51 -12.09 39.15 -1.59
CA ARG A 51 -12.83 38.28 -0.68
C ARG A 51 -13.83 37.48 -1.49
N THR A 52 -13.89 36.17 -1.24
CA THR A 52 -14.85 35.31 -1.93
C THR A 52 -15.67 34.57 -0.89
N ALA A 53 -16.68 33.85 -1.34
CA ALA A 53 -17.49 33.05 -0.43
C ALA A 53 -16.67 31.90 0.16
N GLU A 54 -15.59 31.52 -0.50
CA GLU A 54 -14.79 30.38 -0.07
C GLU A 54 -13.50 30.78 0.63
N GLY A 55 -13.13 32.05 0.51
CA GLY A 55 -11.91 32.52 1.13
C GLY A 55 -11.39 33.78 0.47
N VAL A 56 -10.16 33.74 -0.01
CA VAL A 56 -9.59 34.91 -0.67
C VAL A 56 -8.80 34.52 -1.89
N VAL A 57 -8.67 35.48 -2.80
CA VAL A 57 -7.77 35.36 -3.93
C VAL A 57 -6.87 36.59 -3.98
N LEU A 58 -5.57 36.36 -3.84
CA LEU A 58 -4.60 37.44 -4.01
C LEU A 58 -4.14 37.55 -5.45
N THR A 59 -3.99 38.77 -5.93
CA THR A 59 -3.36 39.01 -7.22
C THR A 59 -2.00 39.65 -6.97
N LEU A 60 -0.95 38.92 -7.32
CA LEU A 60 0.42 39.33 -7.06
C LEU A 60 0.93 40.19 -8.21
N PRO A 61 1.61 41.29 -7.88
CA PRO A 61 2.06 42.25 -8.89
C PRO A 61 3.28 41.75 -9.68
N GLU A 62 4.21 41.06 -9.00
CA GLU A 62 5.41 40.59 -9.65
C GLU A 62 5.58 39.10 -9.50
N GLY A 63 6.29 38.47 -10.43
CA GLY A 63 6.61 37.06 -10.33
C GLY A 63 5.78 36.17 -11.23
N THR A 64 6.23 34.92 -11.38
CA THR A 64 5.56 33.95 -12.23
C THR A 64 4.15 33.65 -11.71
N VAL A 65 4.00 33.54 -10.40
CA VAL A 65 2.69 33.30 -9.81
C VAL A 65 1.89 34.60 -9.78
N LYS A 66 0.78 34.59 -10.51
CA LYS A 66 -0.06 35.77 -10.67
C LYS A 66 -1.17 35.82 -9.62
N LYS A 67 -1.67 34.64 -9.26
CA LYS A 67 -2.79 34.54 -8.33
C LYS A 67 -2.60 33.43 -7.30
N LEU A 68 -2.99 33.73 -6.07
CA LEU A 68 -2.97 32.73 -5.02
C LEU A 68 -4.36 32.63 -4.40
N ARG A 69 -4.94 31.44 -4.39
CA ARG A 69 -6.28 31.27 -3.86
C ARG A 69 -6.27 30.42 -2.62
N LEU A 70 -7.02 30.85 -1.61
CA LEU A 70 -7.33 29.99 -0.47
C LEU A 70 -8.82 29.66 -0.49
N GLN A 71 -9.14 28.38 -0.38
CA GLN A 71 -10.53 27.95 -0.21
C GLN A 71 -10.70 27.18 1.10
N VAL A 72 -11.68 27.59 1.89
CA VAL A 72 -12.00 26.83 3.08
C VAL A 72 -12.78 25.58 2.70
N MET A 73 -12.28 24.42 3.08
CA MET A 73 -12.92 23.17 2.73
C MET A 73 -13.60 22.54 3.94
N GLY A 74 -13.17 22.95 5.14
CA GLY A 74 -13.71 22.42 6.37
C GLY A 74 -13.13 23.21 7.52
N GLU A 75 -13.59 22.94 8.73
CA GLU A 75 -13.04 23.57 9.92
C GLU A 75 -11.50 23.43 9.98
N ARG A 76 -11.00 22.32 9.44
CA ARG A 76 -9.60 21.95 9.58
C ARG A 76 -8.85 21.89 8.25
N ILE A 77 -9.47 22.34 7.17
CA ILE A 77 -8.94 22.09 5.83
C ILE A 77 -8.99 23.30 4.93
N ILE A 78 -7.81 23.72 4.46
CA ILE A 78 -7.73 24.86 3.55
C ILE A 78 -6.98 24.48 2.27
N ARG A 79 -7.62 24.75 1.12
CA ARG A 79 -7.02 24.51 -0.18
C ARG A 79 -6.16 25.69 -0.60
N VAL A 80 -4.92 25.39 -0.99
CA VAL A 80 -4.00 26.39 -1.54
C VAL A 80 -3.75 26.13 -3.03
N THR A 81 -4.01 27.13 -3.85
CA THR A 81 -3.75 27.02 -5.28
C THR A 81 -2.96 28.23 -5.78
N ALA A 82 -1.72 27.99 -6.19
CA ALA A 82 -0.90 29.05 -6.77
C ALA A 82 -0.90 28.93 -8.28
N LEU A 83 -1.30 29.99 -8.96
CA LEU A 83 -1.58 29.95 -10.39
C LEU A 83 -0.64 30.86 -11.17
N PRO A 84 0.05 30.31 -12.18
CA PRO A 84 0.90 31.12 -13.04
C PRO A 84 0.07 31.68 -14.19
N GLY A 85 -1.05 32.31 -13.85
CA GLY A 85 -1.98 32.86 -14.82
C GLY A 85 -3.17 33.49 -14.10
N THR A 86 -4.21 33.84 -14.86
CA THR A 86 -5.32 34.58 -14.29
C THR A 86 -6.64 33.81 -14.25
N ASP A 87 -6.66 32.63 -14.85
CA ASP A 87 -7.90 31.87 -14.97
C ASP A 87 -7.79 30.53 -14.24
N PHE A 88 -8.41 30.45 -13.07
CA PHE A 88 -8.37 29.23 -12.27
C PHE A 88 -9.10 28.09 -12.97
N GLY A 89 -9.89 28.44 -13.99
CA GLY A 89 -10.64 27.46 -14.75
C GLY A 89 -9.76 26.48 -15.49
N ILE A 90 -8.47 26.80 -15.64
CA ILE A 90 -7.57 25.90 -16.35
C ILE A 90 -7.16 24.70 -15.51
N VAL A 91 -7.44 24.74 -14.21
CA VAL A 91 -7.07 23.61 -13.35
C VAL A 91 -8.13 22.54 -13.52
N PRO A 92 -7.71 21.33 -13.94
CA PRO A 92 -8.68 20.27 -14.23
C PRO A 92 -9.44 19.81 -12.98
N GLU A 93 -10.68 19.36 -13.18
CA GLU A 93 -11.48 18.78 -12.11
C GLU A 93 -10.69 17.67 -11.44
N SER A 94 -10.62 17.70 -10.11
CA SER A 94 -9.80 16.75 -9.39
C SER A 94 -10.29 15.31 -9.59
N ILE A 95 -9.35 14.38 -9.58
CA ILE A 95 -9.70 12.96 -9.53
C ILE A 95 -9.76 12.46 -8.08
N GLN A 96 -8.82 12.90 -7.24
CA GLN A 96 -8.78 12.50 -5.83
C GLN A 96 -9.89 13.14 -5.00
N VAL A 97 -10.06 14.45 -5.16
CA VAL A 97 -10.92 15.24 -4.28
C VAL A 97 -12.35 15.33 -4.78
N VAL A 98 -13.28 14.86 -3.95
CA VAL A 98 -14.70 14.92 -4.29
C VAL A 98 -15.38 16.01 -3.49
N ALA A 99 -14.71 16.50 -2.45
CA ALA A 99 -15.27 17.57 -1.62
C ALA A 99 -15.27 18.93 -2.33
N LYS A 100 -16.26 19.75 -2.01
CA LYS A 100 -16.33 21.13 -2.49
C LYS A 100 -16.09 22.09 -1.33
N PRO A 101 -15.80 23.36 -1.64
CA PRO A 101 -15.66 24.36 -0.58
C PRO A 101 -16.85 24.30 0.39
N ALA A 102 -16.59 24.46 1.68
CA ALA A 102 -17.66 24.42 2.66
C ALA A 102 -18.53 25.66 2.56
N THR A 103 -19.78 25.51 2.95
CA THR A 103 -20.71 26.63 2.93
C THR A 103 -21.21 26.91 4.35
N ASN A 104 -20.85 26.02 5.27
CA ASN A 104 -21.32 26.11 6.64
C ASN A 104 -20.19 26.27 7.65
N VAL A 105 -19.02 26.69 7.17
CA VAL A 105 -17.88 26.86 8.07
C VAL A 105 -17.53 28.33 8.21
N PRO A 106 -17.81 28.90 9.40
CA PRO A 106 -17.50 30.33 9.56
C PRO A 106 -16.00 30.54 9.40
N PHE A 107 -15.62 31.63 8.75
CA PHE A 107 -14.22 32.02 8.73
C PHE A 107 -14.10 33.54 8.72
N SER A 108 -12.96 34.03 9.18
CA SER A 108 -12.71 35.45 9.19
C SER A 108 -11.52 35.81 8.33
N VAL A 109 -11.53 37.03 7.78
CA VAL A 109 -10.40 37.56 7.06
C VAL A 109 -9.97 38.89 7.67
N ASP A 110 -8.73 38.97 8.12
CA ASP A 110 -8.19 40.22 8.65
C ASP A 110 -6.95 40.61 7.86
N GLN A 111 -6.89 41.88 7.47
CA GLN A 111 -5.80 42.35 6.66
C GLN A 111 -5.16 43.56 7.32
N ALA A 112 -3.89 43.43 7.68
CA ALA A 112 -3.18 44.55 8.28
C ALA A 112 -1.73 44.56 7.83
N GLY A 113 -1.28 45.72 7.36
CA GLY A 113 0.09 45.87 6.90
C GLY A 113 0.37 44.96 5.71
N GLU A 114 1.40 44.13 5.84
CA GLU A 114 1.83 43.26 4.76
C GLU A 114 1.38 41.81 4.98
N LYS A 115 0.37 41.64 5.84
CA LYS A 115 -0.14 40.31 6.18
C LYS A 115 -1.65 40.24 6.06
N LEU A 116 -2.14 39.12 5.56
CA LEU A 116 -3.56 38.82 5.61
C LEU A 116 -3.74 37.53 6.39
N VAL A 117 -4.69 37.50 7.33
CA VAL A 117 -4.95 36.31 8.09
C VAL A 117 -6.34 35.77 7.78
N LEU A 118 -6.41 34.52 7.37
CA LEU A 118 -7.68 33.86 7.18
C LEU A 118 -7.79 32.78 8.24
N LYS A 119 -8.88 32.75 8.96
CA LYS A 119 -8.98 31.67 9.94
C LYS A 119 -10.35 31.11 10.18
N THR A 120 -10.34 29.82 10.53
CA THR A 120 -11.51 29.12 11.03
C THR A 120 -11.27 28.85 12.49
N SER A 121 -12.17 28.10 13.12
CA SER A 121 -12.03 27.80 14.55
C SER A 121 -10.79 26.92 14.84
N GLN A 122 -10.22 26.31 13.81
CA GLN A 122 -9.16 25.31 13.99
C GLN A 122 -7.85 25.62 13.26
N VAL A 123 -7.88 26.57 12.32
CA VAL A 123 -6.74 26.84 11.45
C VAL A 123 -6.59 28.33 11.21
N SER A 124 -5.35 28.82 11.26
CA SER A 124 -5.01 30.18 10.84
C SER A 124 -4.09 30.11 9.65
N ALA A 125 -4.50 30.72 8.54
CA ALA A 125 -3.63 30.87 7.39
C ALA A 125 -3.18 32.32 7.28
N GLU A 126 -1.91 32.54 7.53
CA GLU A 126 -1.34 33.87 7.35
C GLU A 126 -0.66 33.95 5.98
N VAL A 127 -1.06 34.95 5.17
CA VAL A 127 -0.52 35.13 3.84
C VAL A 127 0.26 36.44 3.69
N SER A 128 1.47 36.36 3.16
CA SER A 128 2.28 37.55 2.91
C SER A 128 1.73 38.30 1.70
N LEU A 129 1.46 39.59 1.86
CA LEU A 129 0.99 40.40 0.75
C LEU A 129 2.15 40.85 -0.12
N LEU A 130 3.37 40.56 0.33
CA LEU A 130 4.56 40.85 -0.46
C LEU A 130 4.81 39.77 -1.52
N ASP A 131 4.77 38.50 -1.11
CA ASP A 131 5.10 37.42 -2.05
C ASP A 131 4.05 36.31 -2.15
N GLY A 132 2.97 36.42 -1.38
CA GLY A 132 1.87 35.47 -1.47
C GLY A 132 2.14 34.14 -0.80
N THR A 133 3.21 34.05 -0.01
CA THR A 133 3.51 32.83 0.71
C THR A 133 2.62 32.66 1.94
N VAL A 134 2.33 31.40 2.27
CA VAL A 134 1.35 31.06 3.28
C VAL A 134 2.02 30.37 4.47
N SER A 135 1.59 30.71 5.67
CA SER A 135 2.03 29.99 6.86
C SER A 135 0.82 29.60 7.69
N PHE A 136 0.79 28.34 8.11
CA PHE A 136 -0.34 27.80 8.84
C PHE A 136 -0.01 27.66 10.32
N ARG A 137 -0.94 28.11 11.15
CA ARG A 137 -0.83 27.93 12.60
C ARG A 137 -2.09 27.24 13.11
N ASP A 138 -1.96 26.56 14.24
CA ASP A 138 -3.12 25.96 14.90
C ASP A 138 -3.86 27.01 15.74
N ALA A 139 -5.00 26.62 16.27
CA ALA A 139 -5.83 27.50 17.09
C ALA A 139 -5.04 28.21 18.22
N LYS A 140 -3.85 27.70 18.55
CA LYS A 140 -3.08 28.24 19.67
C LYS A 140 -1.80 28.96 19.27
N GLY A 141 -1.70 29.37 18.01
CA GLY A 141 -0.56 30.16 17.56
C GLY A 141 0.72 29.39 17.26
N ASN A 142 0.62 28.06 17.25
CA ASN A 142 1.75 27.22 16.89
C ASN A 142 1.95 27.12 15.36
N VAL A 143 3.17 27.38 14.89
CA VAL A 143 3.47 27.27 13.46
C VAL A 143 3.63 25.82 13.01
N LEU A 144 2.74 25.39 12.12
CA LEU A 144 2.76 24.00 11.66
C LEU A 144 3.51 23.89 10.34
N LEU A 145 3.11 24.73 9.39
CA LEU A 145 3.61 24.63 8.03
C LEU A 145 3.82 26.01 7.42
N GLN A 146 5.03 26.24 6.91
CA GLN A 146 5.45 27.53 6.38
C GLN A 146 6.03 27.37 4.97
N GLU A 147 5.42 28.04 3.99
CA GLU A 147 5.97 28.03 2.64
C GLU A 147 7.27 28.82 2.60
N GLU A 148 8.28 28.28 1.93
CA GLU A 148 9.58 28.92 1.87
C GLU A 148 9.69 29.90 0.71
N ASN A 149 8.82 29.73 -0.30
CA ASN A 149 8.73 30.66 -1.41
C ASN A 149 7.40 30.46 -2.12
N ARG A 150 7.17 31.20 -3.20
CA ARG A 150 5.88 31.15 -3.86
C ARG A 150 5.77 29.98 -4.85
N GLY A 151 6.81 29.15 -4.89
CA GLY A 151 6.81 27.95 -5.70
C GLY A 151 7.59 28.11 -6.99
N THR A 152 8.05 26.99 -7.55
CA THR A 152 8.86 26.99 -8.77
C THR A 152 8.15 26.32 -9.95
N PHE A 153 7.85 27.10 -10.98
CA PHE A 153 7.34 26.56 -12.25
C PHE A 153 8.46 26.56 -13.29
N SER A 154 8.51 25.50 -14.09
CA SER A 154 9.59 25.31 -15.05
C SER A 154 9.07 24.37 -16.13
N PRO A 155 9.84 24.19 -17.21
CA PRO A 155 9.26 23.44 -18.34
C PRO A 155 9.09 21.94 -18.07
N VAL A 156 8.00 21.38 -18.58
CA VAL A 156 7.78 19.94 -18.46
C VAL A 156 8.90 19.25 -19.21
N ILE A 157 9.56 18.30 -18.56
CA ILE A 157 10.68 17.61 -19.18
C ILE A 157 10.49 16.10 -19.25
N HIS A 158 9.49 15.58 -18.55
CA HIS A 158 9.28 14.13 -18.55
C HIS A 158 7.99 13.67 -19.22
N ASP A 159 7.54 14.42 -20.22
CA ASP A 159 6.35 14.05 -20.98
C ASP A 159 6.74 13.84 -22.43
N PRO A 160 6.71 12.59 -22.90
CA PRO A 160 7.10 12.24 -24.28
C PRO A 160 6.11 12.80 -25.31
N ASP A 161 4.94 13.25 -24.86
CA ASP A 161 3.92 13.73 -25.77
C ASP A 161 3.88 15.27 -25.80
N PRO A 162 3.23 15.85 -26.83
CA PRO A 162 3.15 17.31 -26.95
C PRO A 162 2.57 17.93 -25.69
N VAL A 163 3.25 18.94 -25.17
CA VAL A 163 2.93 19.55 -23.89
C VAL A 163 2.18 20.88 -24.06
N ASP A 164 1.09 21.03 -23.34
CA ASP A 164 0.34 22.29 -23.36
C ASP A 164 1.22 23.47 -22.96
N ALA A 165 0.93 24.63 -23.55
CA ALA A 165 1.71 25.84 -23.28
C ALA A 165 1.56 26.33 -21.83
N ASP A 166 0.48 25.94 -21.17
CA ASP A 166 0.24 26.35 -19.80
C ASP A 166 0.44 25.19 -18.81
N SER A 167 1.18 24.17 -19.24
CA SER A 167 1.59 23.09 -18.34
C SER A 167 3.05 23.27 -17.95
N TYR A 168 3.37 22.96 -16.70
CA TYR A 168 4.72 23.15 -16.18
C TYR A 168 5.12 22.02 -15.24
N ALA A 169 6.42 21.87 -15.03
CA ALA A 169 6.89 21.11 -13.89
C ALA A 169 6.69 22.03 -12.68
N LEU A 170 6.25 21.45 -11.57
CA LEU A 170 5.87 22.21 -10.37
C LEU A 170 6.69 21.78 -9.17
N ARG A 171 7.06 22.75 -8.34
CA ARG A 171 7.69 22.44 -7.06
C ARG A 171 7.28 23.42 -5.96
N GLN A 172 6.99 22.90 -4.77
CA GLN A 172 6.74 23.75 -3.61
C GLN A 172 7.61 23.32 -2.42
N GLU A 173 8.21 24.30 -1.74
CA GLU A 173 9.08 24.03 -0.61
C GLU A 173 8.53 24.63 0.68
N PHE A 174 8.64 23.87 1.76
CA PHE A 174 8.13 24.29 3.07
C PHE A 174 9.14 23.98 4.17
N ASN A 175 8.98 24.67 5.30
CA ASN A 175 9.62 24.29 6.56
C ASN A 175 11.11 23.93 6.48
N ARG A 176 11.94 24.87 6.02
CA ARG A 176 13.39 24.67 6.06
C ARG A 176 13.89 24.54 7.50
N GLY A 177 14.79 23.59 7.73
CA GLY A 177 15.39 23.41 9.04
C GLY A 177 14.47 22.79 10.07
N SER A 178 13.38 22.19 9.62
CA SER A 178 12.46 21.52 10.53
C SER A 178 13.01 20.17 11.00
N ASP A 179 12.69 19.81 12.24
CA ASP A 179 13.10 18.51 12.76
C ASP A 179 11.94 17.49 12.70
N GLU A 180 10.85 17.87 12.06
CA GLU A 180 9.65 17.03 12.06
C GLU A 180 9.86 15.69 11.35
N GLY A 181 8.96 14.74 11.61
CA GLY A 181 8.92 13.49 10.89
C GLY A 181 7.87 13.59 9.80
N PHE A 182 8.02 12.78 8.77
CA PHE A 182 7.06 12.73 7.66
C PHE A 182 6.65 11.30 7.36
N PHE A 183 5.35 11.08 7.14
CA PHE A 183 4.82 9.75 6.97
C PHE A 183 3.77 9.73 5.87
N GLY A 184 3.34 8.52 5.49
CA GLY A 184 2.28 8.35 4.50
C GLY A 184 2.83 8.15 3.11
N LEU A 185 2.32 8.95 2.17
CA LEU A 185 2.79 8.92 0.77
C LEU A 185 2.47 7.63 0.02
N GLY A 186 1.92 6.64 0.72
CA GLY A 186 1.52 5.41 0.07
C GLY A 186 2.42 4.21 0.30
N GLN A 187 2.45 3.33 -0.70
CA GLN A 187 3.07 2.00 -0.58
C GLN A 187 4.38 1.98 -1.35
N HIS A 188 5.49 2.02 -0.62
CA HIS A 188 6.82 2.06 -1.23
C HIS A 188 7.67 0.92 -0.70
N GLN A 189 8.72 0.60 -1.43
CA GLN A 189 9.39 -0.70 -1.26
C GLN A 189 10.84 -0.56 -0.79
N ASN A 190 11.12 0.49 -0.02
CA ASN A 190 12.48 0.76 0.43
C ASN A 190 12.59 0.86 1.95
N GLY A 191 11.58 0.33 2.64
CA GLY A 191 11.62 0.23 4.10
C GLY A 191 11.42 1.53 4.86
N GLN A 192 11.01 2.59 4.18
CA GLN A 192 10.89 3.91 4.83
C GLN A 192 9.58 4.06 5.60
N VAL A 193 9.68 4.55 6.83
CA VAL A 193 8.50 4.96 7.59
C VAL A 193 8.51 6.48 7.86
N ASN A 194 9.58 6.97 8.48
CA ASN A 194 9.84 8.41 8.57
C ASN A 194 10.66 8.83 7.36
N TYR A 195 10.04 9.58 6.45
CA TYR A 195 10.69 9.94 5.19
C TYR A 195 11.60 11.15 5.32
N ALA A 196 11.56 11.81 6.48
CA ALA A 196 12.31 13.07 6.67
C ALA A 196 13.77 12.97 6.24
N GLY A 197 14.22 13.94 5.45
CA GLY A 197 15.60 13.96 5.00
C GLY A 197 15.97 12.90 3.98
N GLU A 198 14.96 12.26 3.40
CA GLU A 198 15.19 11.26 2.36
C GLU A 198 14.35 11.53 1.13
N ASN A 199 14.53 10.72 0.08
CA ASN A 199 13.78 10.87 -1.16
C ASN A 199 12.71 9.79 -1.37
N VAL A 200 11.58 10.19 -1.95
CA VAL A 200 10.58 9.20 -2.35
C VAL A 200 10.04 9.59 -3.72
N GLU A 201 10.09 8.66 -4.66
CA GLU A 201 9.53 8.93 -5.97
C GLU A 201 8.10 8.38 -5.99
N LEU A 202 7.14 9.29 -6.06
CA LEU A 202 5.74 8.88 -6.11
C LEU A 202 5.34 8.56 -7.54
N THR A 203 5.72 7.36 -7.97
CA THR A 203 5.32 6.89 -9.28
C THR A 203 4.34 5.74 -9.10
N THR A 204 4.00 5.09 -10.20
CA THR A 204 3.11 3.95 -10.17
C THR A 204 3.82 2.77 -10.81
N TYR A 205 3.75 1.62 -10.14
CA TYR A 205 4.41 0.40 -10.60
C TYR A 205 3.72 -0.82 -10.03
N ASN A 206 4.00 -1.97 -10.62
CA ASN A 206 3.59 -3.25 -10.08
C ASN A 206 3.71 -3.26 -8.53
N LEU A 207 4.87 -2.80 -8.02
CA LEU A 207 5.16 -2.85 -6.59
C LEU A 207 4.89 -1.56 -5.81
N VAL A 208 4.57 -0.47 -6.50
CA VAL A 208 4.50 0.83 -5.86
C VAL A 208 3.18 1.55 -6.11
N ILE A 209 2.53 1.98 -5.04
CA ILE A 209 1.28 2.74 -5.15
C ILE A 209 1.44 4.10 -4.51
N SER A 210 1.25 5.16 -5.31
CA SER A 210 1.33 6.52 -4.79
C SER A 210 -0.01 7.05 -4.30
N ILE A 211 -0.01 7.50 -3.05
CA ILE A 211 -1.14 8.23 -2.50
C ILE A 211 -0.52 9.48 -1.88
N PRO A 212 -0.63 10.63 -2.57
CA PRO A 212 0.14 11.81 -2.18
C PRO A 212 -0.50 12.54 -1.00
N PHE A 213 -0.77 11.81 0.09
CA PHE A 213 -1.19 12.41 1.35
C PHE A 213 -0.02 12.28 2.34
N LEU A 214 0.45 13.42 2.81
CA LEU A 214 1.63 13.50 3.67
C LEU A 214 1.20 13.81 5.10
N VAL A 215 1.72 13.05 6.06
CA VAL A 215 1.41 13.29 7.46
C VAL A 215 2.66 13.68 8.25
N SER A 216 2.57 14.78 8.97
CA SER A 216 3.71 15.25 9.75
C SER A 216 3.67 14.72 11.19
N SER A 217 4.82 14.67 11.83
CA SER A 217 4.88 14.47 13.28
C SER A 217 4.17 15.64 13.98
N ARG A 218 4.21 16.82 13.37
CA ARG A 218 3.41 17.95 13.85
C ARG A 218 1.93 17.72 13.58
N ASN A 219 1.09 18.60 14.08
CA ASN A 219 -0.35 18.41 14.00
C ASN A 219 -0.99 18.82 12.67
N TYR A 220 -0.43 18.30 11.58
CA TYR A 220 -1.02 18.53 10.27
C TYR A 220 -0.57 17.47 9.29
N GLY A 221 -1.27 17.43 8.16
CA GLY A 221 -0.82 16.72 6.97
C GLY A 221 -1.25 17.52 5.76
N LEU A 222 -0.95 17.02 4.57
CA LEU A 222 -1.42 17.69 3.37
C LEU A 222 -1.66 16.74 2.20
N LEU A 223 -2.66 17.06 1.39
CA LEU A 223 -2.92 16.32 0.17
C LEU A 223 -2.37 17.14 -1.00
N TRP A 224 -1.39 16.57 -1.70
CA TRP A 224 -0.84 17.20 -2.90
C TRP A 224 -1.67 16.73 -4.09
N ASP A 225 -2.47 17.62 -4.66
CA ASP A 225 -3.42 17.18 -5.68
C ASP A 225 -2.86 17.33 -7.08
N ASN A 226 -1.95 16.42 -7.42
CA ASN A 226 -1.41 16.34 -8.77
C ASN A 226 -1.40 14.87 -9.21
N ASN A 227 -1.80 14.61 -10.45
CA ASN A 227 -1.93 13.23 -10.94
C ASN A 227 -0.67 12.67 -11.60
N SER A 228 0.32 13.53 -11.85
CA SER A 228 1.55 13.09 -12.52
C SER A 228 2.59 12.59 -11.51
N ILE A 229 3.64 11.96 -12.00
CA ILE A 229 4.72 11.51 -11.12
C ILE A 229 5.18 12.65 -10.21
N THR A 230 5.24 12.35 -8.92
CA THR A 230 5.53 13.34 -7.89
C THR A 230 6.75 12.88 -7.08
N ARG A 231 7.56 13.84 -6.63
CA ARG A 231 8.76 13.50 -5.89
C ARG A 231 8.82 14.24 -4.57
N PHE A 232 9.06 13.48 -3.50
CA PHE A 232 9.27 14.02 -2.16
C PHE A 232 10.76 14.07 -1.89
N GLY A 233 11.22 15.21 -1.38
CA GLY A 233 12.64 15.44 -1.19
C GLY A 233 13.25 16.01 -2.46
N ASP A 234 14.24 15.30 -3.00
CA ASP A 234 14.92 15.76 -4.20
C ASP A 234 13.93 15.79 -5.36
N PRO A 235 13.80 16.95 -6.00
CA PRO A 235 12.88 17.11 -7.14
C PRO A 235 13.36 16.39 -8.40
N ARG A 236 14.63 15.99 -8.43
CA ARG A 236 15.22 15.35 -9.61
C ARG A 236 15.03 13.82 -9.65
N GLU A 237 14.75 13.29 -10.83
CA GLU A 237 14.83 11.85 -11.02
C GLU A 237 16.27 11.39 -10.82
N ALA A 238 16.46 10.23 -10.19
CA ALA A 238 17.79 9.72 -9.96
C ALA A 238 18.54 9.58 -11.27
N GLN A 239 19.86 9.84 -11.22
CA GLN A 239 20.70 9.92 -12.42
C GLN A 239 21.51 8.66 -12.64
N PRO A 240 22.05 8.49 -13.87
CA PRO A 240 23.07 7.48 -14.12
C PRO A 240 24.26 7.75 -13.20
N LEU A 241 25.03 6.72 -12.87
CA LEU A 241 26.08 6.82 -11.87
C LEU A 241 27.14 7.89 -12.20
N ASN A 242 27.41 8.08 -13.49
CA ASN A 242 28.49 8.97 -13.90
C ASN A 242 28.08 10.43 -14.10
N GLN A 243 26.84 10.77 -13.79
CA GLN A 243 26.40 12.15 -14.01
C GLN A 243 26.97 13.12 -12.98
N SER A 244 27.01 12.68 -11.71
CA SER A 244 27.57 13.52 -10.67
C SER A 244 28.60 12.77 -9.82
N LEU A 245 29.18 11.71 -10.39
CA LEU A 245 30.32 11.04 -9.77
C LEU A 245 31.46 10.84 -10.79
N LYS A 246 32.70 11.00 -10.33
CA LYS A 246 33.86 10.57 -11.11
C LYS A 246 33.98 9.06 -10.97
N LEU A 247 34.16 8.37 -12.09
CA LEU A 247 34.34 6.91 -12.05
C LEU A 247 35.75 6.50 -12.45
N TYR A 248 36.25 5.46 -11.80
CA TYR A 248 37.57 4.90 -12.13
C TYR A 248 37.39 3.39 -12.30
N ASP A 249 38.01 2.82 -13.34
CA ASP A 249 37.91 1.38 -13.58
C ASP A 249 38.68 0.57 -12.55
N ALA A 250 38.76 -0.74 -12.76
CA ALA A 250 39.41 -1.61 -11.79
C ALA A 250 40.92 -1.36 -11.67
N GLU A 251 41.45 -0.51 -12.56
CA GLU A 251 42.87 -0.19 -12.54
C GLU A 251 43.14 1.24 -12.08
N GLY A 252 42.08 1.96 -11.71
CA GLY A 252 42.23 3.32 -11.25
C GLY A 252 42.14 4.34 -12.37
N LYS A 253 42.06 3.87 -13.61
CA LYS A 253 41.92 4.78 -14.75
C LYS A 253 40.52 5.41 -14.81
N GLU A 254 40.48 6.74 -14.81
CA GLU A 254 39.23 7.47 -14.89
C GLU A 254 38.47 7.18 -16.18
N GLY A 255 37.15 7.21 -16.11
CA GLY A 255 36.34 7.07 -17.31
C GLY A 255 35.09 6.22 -17.20
N GLY A 256 35.13 5.20 -16.38
CA GLY A 256 34.00 4.30 -16.21
C GLY A 256 34.37 3.17 -15.28
N LEU A 257 33.46 2.22 -15.12
CA LEU A 257 33.74 1.03 -14.33
C LEU A 257 34.19 -0.11 -15.22
N THR A 258 35.01 -1.00 -14.68
CA THR A 258 35.37 -2.21 -15.41
C THR A 258 34.18 -3.17 -15.38
N VAL A 259 33.79 -3.65 -16.55
CA VAL A 259 32.70 -4.62 -16.66
C VAL A 259 33.21 -5.96 -17.19
N ARG A 260 32.99 -7.02 -16.43
CA ARG A 260 33.36 -8.37 -16.86
C ARG A 260 32.14 -9.21 -17.19
N TYR A 261 32.16 -9.83 -18.36
CA TYR A 261 31.09 -10.73 -18.77
C TYR A 261 31.55 -12.19 -18.68
N PHE A 262 30.88 -12.96 -17.82
CA PHE A 262 31.18 -14.38 -17.67
C PHE A 262 30.07 -15.24 -18.27
N VAL A 263 30.47 -16.35 -18.90
CA VAL A 263 29.53 -17.41 -19.26
C VAL A 263 29.83 -18.59 -18.36
N GLY A 264 28.91 -18.89 -17.45
CA GLY A 264 29.21 -19.77 -16.33
C GLY A 264 30.26 -19.09 -15.45
N ASP A 265 31.47 -19.64 -15.46
CA ASP A 265 32.55 -19.03 -14.69
C ASP A 265 33.71 -18.64 -15.60
N GLU A 266 33.49 -18.78 -16.90
CA GLU A 266 34.51 -18.41 -17.86
C GLU A 266 34.33 -16.96 -18.30
N LEU A 267 35.39 -16.18 -18.13
CA LEU A 267 35.40 -14.79 -18.55
C LEU A 267 35.42 -14.73 -20.08
N LYS A 268 34.52 -13.95 -20.67
CA LYS A 268 34.39 -13.86 -22.12
C LYS A 268 34.71 -12.46 -22.65
N LEU A 269 34.54 -11.44 -21.81
CA LEU A 269 34.73 -10.06 -22.24
C LEU A 269 34.96 -9.15 -21.04
N THR A 270 35.97 -8.30 -21.16
CA THR A 270 36.23 -7.27 -20.17
C THR A 270 36.28 -5.92 -20.88
N ARG A 271 35.60 -4.93 -20.35
CA ARG A 271 35.69 -3.58 -20.90
C ARG A 271 35.23 -2.50 -19.92
N VAL A 272 35.56 -1.26 -20.23
CA VAL A 272 35.21 -0.15 -19.35
C VAL A 272 33.96 0.54 -19.88
N GLU A 273 33.00 0.76 -18.99
CA GLU A 273 31.75 1.39 -19.38
C GLU A 273 31.39 2.52 -18.43
N ALA A 274 31.09 3.68 -19.01
CA ALA A 274 30.70 4.85 -18.23
C ALA A 274 29.33 4.65 -17.58
N ASP A 275 28.40 4.03 -18.32
CA ASP A 275 27.06 3.80 -17.83
C ASP A 275 26.55 2.43 -18.28
N PHE A 276 26.75 1.42 -17.41
CA PHE A 276 26.26 0.08 -17.65
C PHE A 276 24.73 0.08 -17.51
N ASN A 277 24.03 -0.10 -18.62
CA ASN A 277 22.58 0.03 -18.61
C ASN A 277 21.85 -1.06 -19.41
N HIS A 278 21.13 -1.91 -18.68
CA HIS A 278 20.26 -2.90 -19.32
C HIS A 278 18.92 -2.89 -18.59
N GLN A 279 18.33 -1.69 -18.51
CA GLN A 279 17.21 -1.45 -17.63
C GLN A 279 15.86 -1.81 -18.24
N PHE A 280 15.68 -1.51 -19.52
CA PHE A 280 14.36 -1.66 -20.14
C PHE A 280 14.40 -2.33 -21.52
N TYR A 281 13.25 -2.86 -21.91
CA TYR A 281 12.98 -3.24 -23.28
C TYR A 281 12.58 -1.98 -24.03
N LYS A 282 12.92 -1.89 -25.30
CA LYS A 282 12.37 -0.82 -26.12
C LYS A 282 11.02 -1.24 -26.71
N GLN A 283 10.83 -2.56 -26.82
CA GLN A 283 9.71 -3.16 -27.54
C GLN A 283 9.76 -4.67 -27.33
N GLY A 284 8.60 -5.33 -27.41
CA GLY A 284 8.56 -6.78 -27.30
C GLY A 284 9.39 -7.30 -26.13
N ASN A 285 10.38 -8.12 -26.42
CA ASN A 285 11.31 -8.60 -25.39
C ASN A 285 12.73 -8.25 -25.77
N GLU A 286 12.88 -7.14 -26.48
CA GLU A 286 14.20 -6.68 -26.88
C GLU A 286 14.68 -5.49 -26.03
N LEU A 287 15.85 -5.66 -25.40
CA LEU A 287 16.47 -4.60 -24.63
C LEU A 287 16.76 -3.37 -25.47
N GLU A 288 16.71 -2.21 -24.82
CA GLU A 288 17.16 -0.99 -25.45
C GLU A 288 18.64 -1.14 -25.79
N ASN A 289 19.39 -1.67 -24.83
CA ASN A 289 20.80 -1.92 -25.02
C ASN A 289 21.06 -3.41 -24.94
N PRO A 290 21.29 -4.05 -26.09
CA PRO A 290 21.55 -5.50 -26.11
C PRO A 290 22.93 -5.79 -25.50
N PHE A 291 23.12 -7.04 -25.10
CA PHE A 291 24.41 -7.50 -24.62
C PHE A 291 25.34 -7.79 -25.79
N PRO A 292 26.66 -7.81 -25.54
CA PRO A 292 27.62 -8.09 -26.61
C PRO A 292 27.42 -9.49 -27.20
N GLU A 293 27.73 -9.68 -28.47
CA GLU A 293 27.47 -10.96 -29.12
C GLU A 293 28.21 -12.11 -28.42
N GLU A 294 29.34 -11.80 -27.79
CA GLU A 294 30.07 -12.77 -27.00
C GLU A 294 29.20 -13.45 -25.92
N VAL A 295 28.19 -12.76 -25.41
CA VAL A 295 27.40 -13.31 -24.30
C VAL A 295 25.88 -13.22 -24.45
N ALA A 296 25.41 -12.67 -25.57
CA ALA A 296 23.98 -12.47 -25.76
C ALA A 296 23.19 -13.79 -25.57
N GLY A 297 23.79 -14.88 -26.05
CA GLY A 297 23.18 -16.20 -25.91
C GLY A 297 23.12 -16.61 -24.45
N ALA A 298 24.19 -16.37 -23.71
CA ALA A 298 24.24 -16.69 -22.29
C ALA A 298 23.17 -15.93 -21.49
N TYR A 299 22.84 -14.72 -21.93
CA TYR A 299 21.79 -13.96 -21.28
C TYR A 299 20.48 -14.73 -21.40
N LYS A 300 20.24 -15.25 -22.59
CA LYS A 300 19.00 -15.95 -22.91
C LYS A 300 18.87 -17.30 -22.23
N ASN A 301 20.00 -17.95 -21.97
CA ASN A 301 19.96 -19.25 -21.30
C ASN A 301 20.37 -19.20 -19.82
N ASN A 302 20.49 -17.98 -19.28
CA ASN A 302 20.74 -17.77 -17.85
C ASN A 302 22.10 -18.26 -17.31
N THR A 303 23.06 -18.44 -18.21
CA THR A 303 24.40 -18.85 -17.79
C THR A 303 25.31 -17.62 -17.64
N LEU A 304 24.79 -16.47 -18.05
CA LEU A 304 25.53 -15.22 -17.95
C LEU A 304 25.62 -14.71 -16.52
N ARG A 305 26.80 -14.23 -16.15
CA ARG A 305 26.92 -13.39 -14.96
C ARG A 305 27.92 -12.29 -15.23
N ILE A 306 27.80 -11.19 -14.50
CA ILE A 306 28.56 -9.99 -14.77
C ILE A 306 29.16 -9.45 -13.48
N GLU A 307 30.29 -8.76 -13.59
CA GLU A 307 30.88 -8.06 -12.46
C GLU A 307 31.21 -6.62 -12.84
N LEU A 308 30.89 -5.69 -11.95
CA LEU A 308 31.32 -4.31 -12.12
C LEU A 308 32.37 -4.04 -11.06
N GLU A 309 33.43 -3.34 -11.42
CA GLU A 309 34.48 -3.04 -10.47
C GLU A 309 35.17 -1.73 -10.80
N GLY A 310 35.31 -0.88 -9.79
CA GLY A 310 36.01 0.37 -9.94
C GLY A 310 35.87 1.20 -8.68
N SER A 311 35.92 2.51 -8.84
CA SER A 311 35.81 3.44 -7.72
C SER A 311 34.92 4.61 -8.08
N ILE A 312 34.19 5.12 -7.10
CA ILE A 312 33.39 6.33 -7.28
C ILE A 312 33.95 7.47 -6.44
N GLU A 313 33.76 8.69 -6.92
CA GLU A 313 34.25 9.86 -6.22
C GLU A 313 33.20 10.96 -6.25
N ALA A 314 32.77 11.40 -5.06
CA ALA A 314 31.84 12.52 -4.97
C ALA A 314 32.50 13.81 -5.43
N GLN A 315 31.72 14.67 -6.07
CA GLN A 315 32.18 16.00 -6.42
C GLN A 315 31.74 16.96 -5.33
N ALA A 316 30.70 16.56 -4.60
CA ALA A 316 30.18 17.37 -3.50
C ALA A 316 30.01 16.56 -2.22
N THR A 317 30.32 17.19 -1.09
CA THR A 317 30.20 16.56 0.22
C THR A 317 28.77 16.58 0.74
N GLY A 318 28.34 15.49 1.36
CA GLY A 318 27.00 15.41 1.91
C GLY A 318 26.41 14.02 1.78
N LYS A 319 25.09 13.92 1.91
CA LYS A 319 24.41 12.63 1.86
C LYS A 319 23.96 12.29 0.43
N HIS A 320 24.60 11.28 -0.15
CA HIS A 320 24.27 10.85 -1.51
C HIS A 320 23.27 9.70 -1.44
N GLN A 321 22.42 9.60 -2.47
CA GLN A 321 21.54 8.45 -2.59
C GLN A 321 22.01 7.53 -3.73
N PHE A 322 21.96 6.22 -3.48
CA PHE A 322 22.28 5.23 -4.50
C PHE A 322 21.07 4.32 -4.70
N LYS A 323 20.80 3.95 -5.94
CA LYS A 323 19.67 3.07 -6.24
C LYS A 323 20.11 1.99 -7.24
N MET A 324 20.07 0.74 -6.80
CA MET A 324 20.40 -0.37 -7.68
C MET A 324 19.11 -1.01 -8.18
N TYR A 325 18.76 -0.70 -9.43
CA TYR A 325 17.58 -1.28 -10.06
C TYR A 325 17.99 -2.62 -10.63
N ASN A 326 17.29 -3.68 -10.23
CA ASN A 326 17.62 -4.99 -10.78
C ASN A 326 16.56 -6.08 -10.55
N SER A 327 16.58 -7.04 -11.46
CA SER A 327 16.08 -8.37 -11.18
C SER A 327 17.25 -9.36 -11.36
N GLY A 328 16.99 -10.65 -11.17
CA GLY A 328 18.06 -11.62 -11.08
C GLY A 328 18.76 -11.43 -9.74
N TYR A 329 19.97 -12.00 -9.60
CA TYR A 329 20.72 -11.91 -8.36
C TYR A 329 21.74 -10.77 -8.43
N ALA A 330 21.61 -9.81 -7.51
CA ALA A 330 22.53 -8.69 -7.46
C ALA A 330 23.09 -8.47 -6.07
N GLN A 331 24.39 -8.19 -6.02
CA GLN A 331 25.03 -7.83 -4.77
C GLN A 331 25.92 -6.61 -5.03
N LEU A 332 25.81 -5.60 -4.17
CA LEU A 332 26.63 -4.40 -4.30
C LEU A 332 27.47 -4.19 -3.04
N SER A 333 28.75 -3.90 -3.24
CA SER A 333 29.66 -3.61 -2.14
C SER A 333 30.30 -2.24 -2.29
N LEU A 334 30.45 -1.56 -1.16
CA LEU A 334 31.15 -0.28 -1.10
C LEU A 334 32.20 -0.36 -0.01
N ASP A 335 33.41 0.11 -0.30
CA ASP A 335 34.53 0.08 0.65
C ASP A 335 34.75 -1.32 1.22
N GLY A 336 34.56 -2.34 0.38
CA GLY A 336 34.78 -3.71 0.78
C GLY A 336 33.67 -4.34 1.60
N GLU A 337 32.56 -3.65 1.78
CA GLU A 337 31.45 -4.20 2.55
C GLU A 337 30.18 -4.31 1.72
N VAL A 338 29.49 -5.43 1.83
CA VAL A 338 28.24 -5.62 1.12
C VAL A 338 27.18 -4.67 1.66
N VAL A 339 26.54 -3.93 0.75
CA VAL A 339 25.53 -2.98 1.13
C VAL A 339 24.13 -3.45 0.74
N LEU A 340 24.04 -4.10 -0.41
CA LEU A 340 22.76 -4.60 -0.92
C LEU A 340 22.93 -6.01 -1.44
N ASP A 341 21.99 -6.86 -1.09
CA ASP A 341 21.95 -8.22 -1.61
C ASP A 341 20.49 -8.54 -1.92
N ARG A 342 20.13 -8.55 -3.21
CA ARG A 342 18.74 -8.72 -3.61
C ARG A 342 18.51 -9.70 -4.77
N TRP A 343 17.36 -10.35 -4.76
CA TRP A 343 16.87 -11.10 -5.91
C TRP A 343 15.42 -10.72 -6.22
N ARG A 344 15.10 -10.56 -7.49
CA ARG A 344 13.71 -10.56 -7.92
C ARG A 344 13.63 -11.38 -9.19
N MET A 345 12.46 -11.97 -9.45
CA MET A 345 12.28 -12.69 -10.70
C MET A 345 12.57 -11.72 -11.85
N ASN A 346 13.00 -12.24 -13.00
CA ASN A 346 13.51 -11.38 -14.07
C ASN A 346 12.55 -10.28 -14.51
N TRP A 347 11.27 -10.63 -14.65
CA TRP A 347 10.30 -9.71 -15.24
C TRP A 347 9.75 -8.64 -14.27
N ASN A 348 10.14 -8.67 -13.01
CA ASN A 348 9.67 -7.63 -12.09
C ASN A 348 10.76 -7.01 -11.22
N PRO A 349 11.73 -6.34 -11.84
CA PRO A 349 12.82 -5.65 -11.14
C PRO A 349 12.33 -4.42 -10.40
N TRP A 350 13.12 -3.93 -9.45
CA TRP A 350 12.82 -2.66 -8.81
C TRP A 350 14.08 -2.05 -8.19
N TYR A 351 13.94 -0.84 -7.64
CA TYR A 351 15.07 -0.11 -7.08
C TYR A 351 15.36 -0.55 -5.65
N HIS A 352 16.64 -0.80 -5.37
CA HIS A 352 17.07 -1.12 -4.02
C HIS A 352 18.06 -0.06 -3.57
N ASN A 353 17.68 0.70 -2.56
CA ASN A 353 18.34 1.95 -2.24
C ASN A 353 19.13 1.98 -0.93
N PHE A 354 20.12 2.86 -0.88
CA PHE A 354 20.78 3.22 0.38
C PHE A 354 21.30 4.65 0.26
N TYR A 355 21.45 5.31 1.39
CA TYR A 355 22.03 6.64 1.41
C TYR A 355 23.40 6.53 2.06
N ARG A 356 24.33 7.37 1.63
CA ARG A 356 25.65 7.36 2.24
C ARG A 356 26.30 8.74 2.25
N GLU A 357 26.91 9.09 3.39
CA GLU A 357 27.71 10.31 3.50
C GLU A 357 29.01 10.16 2.73
N LEU A 358 29.27 11.11 1.83
CA LEU A 358 30.49 11.13 1.04
C LEU A 358 31.15 12.50 1.09
N ASN A 359 32.48 12.50 1.14
CA ASN A 359 33.27 13.73 1.07
C ASN A 359 33.74 13.94 -0.36
N ALA A 360 33.68 15.18 -0.83
CA ALA A 360 34.18 15.49 -2.16
C ALA A 360 35.64 15.10 -2.25
N GLY A 361 36.02 14.39 -3.31
CA GLY A 361 37.40 14.04 -3.55
C GLY A 361 37.78 12.62 -3.16
N ASP A 362 37.06 12.03 -2.23
CA ASP A 362 37.38 10.67 -1.76
C ASP A 362 37.00 9.60 -2.79
N LYS A 363 37.83 8.57 -2.87
CA LYS A 363 37.55 7.43 -3.73
C LYS A 363 37.05 6.26 -2.91
N HIS A 364 36.01 5.60 -3.40
CA HIS A 364 35.45 4.43 -2.73
C HIS A 364 35.31 3.27 -3.71
N LYS A 365 35.83 2.11 -3.33
CA LYS A 365 35.74 0.95 -4.19
C LYS A 365 34.32 0.44 -4.29
N LEU A 366 33.85 0.27 -5.51
CA LEU A 366 32.51 -0.27 -5.78
C LEU A 366 32.64 -1.63 -6.43
N LYS A 367 31.94 -2.63 -5.89
CA LYS A 367 31.89 -3.94 -6.54
C LYS A 367 30.45 -4.44 -6.69
N VAL A 368 30.10 -4.85 -7.90
CA VAL A 368 28.78 -5.39 -8.15
C VAL A 368 28.89 -6.75 -8.82
N SER A 369 28.14 -7.72 -8.32
CA SER A 369 27.97 -9.00 -9.01
C SER A 369 26.52 -9.05 -9.41
N TRP A 370 26.26 -9.44 -10.65
CA TRP A 370 24.91 -9.50 -11.16
C TRP A 370 24.71 -10.71 -12.06
N LYS A 371 23.87 -11.64 -11.62
CA LYS A 371 23.45 -12.75 -12.46
C LYS A 371 22.03 -12.45 -12.94
N PRO A 372 21.90 -11.99 -14.20
CA PRO A 372 20.63 -11.44 -14.68
C PRO A 372 19.49 -12.44 -14.70
N ASP A 373 19.80 -13.67 -15.07
CA ASP A 373 18.78 -14.69 -15.27
C ASP A 373 17.62 -14.15 -16.12
N GLY A 374 17.95 -13.42 -17.17
CA GLY A 374 16.97 -12.88 -18.09
C GLY A 374 16.43 -11.52 -17.67
N GLY A 375 17.02 -10.92 -16.64
CA GLY A 375 16.47 -9.73 -16.03
C GLY A 375 17.10 -8.41 -16.43
N PHE A 376 17.02 -7.41 -15.54
CA PHE A 376 17.39 -6.05 -15.89
C PHE A 376 18.28 -5.44 -14.82
N PHE A 377 18.99 -4.37 -15.19
CA PHE A 377 19.91 -3.73 -14.27
C PHE A 377 20.21 -2.30 -14.67
N HIS A 378 20.20 -1.40 -13.68
CA HIS A 378 20.78 -0.09 -13.85
C HIS A 378 21.12 0.48 -12.49
N LEU A 379 22.28 1.09 -12.38
CA LEU A 379 22.68 1.70 -11.12
C LEU A 379 22.45 3.21 -11.21
N ARG A 380 21.77 3.76 -10.21
CA ARG A 380 21.48 5.20 -10.21
C ARG A 380 21.92 5.91 -8.94
N HIS A 381 21.93 7.24 -9.00
CA HIS A 381 22.53 8.03 -7.94
C HIS A 381 22.06 9.48 -7.98
N LEU A 382 21.92 10.07 -6.80
CA LEU A 382 21.71 11.50 -6.69
C LEU A 382 22.74 12.09 -5.73
N ASP A 383 23.35 13.21 -6.13
CA ASP A 383 24.26 13.94 -5.25
C ASP A 383 23.45 14.88 -4.36
N PRO A 384 24.05 15.37 -3.27
CA PRO A 384 23.30 16.21 -2.32
C PRO A 384 22.65 17.44 -2.96
N LEU A 385 21.48 17.81 -2.46
CA LEU A 385 20.83 19.04 -2.87
C LEU A 385 21.66 20.24 -2.38
N PRO A 386 21.37 21.44 -2.93
CA PRO A 386 21.98 22.66 -2.42
C PRO A 386 21.85 22.76 -0.91
N ALA A 387 22.76 23.49 -0.27
CA ALA A 387 22.79 23.58 1.19
C ALA A 387 21.42 23.75 1.85
N ASN A 388 20.72 24.83 1.51
CA ASN A 388 19.47 25.18 2.19
C ASN A 388 18.28 24.29 1.87
N GLU A 389 18.39 23.48 0.80
CA GLU A 389 17.29 22.62 0.38
C GLU A 389 17.38 21.23 1.00
N GLN A 390 18.47 20.94 1.71
CA GLN A 390 18.73 19.60 2.22
C GLN A 390 17.83 19.20 3.39
N HIS A 391 17.60 20.15 4.30
CA HIS A 391 16.68 19.91 5.41
C HIS A 391 15.42 20.75 5.22
N GLU A 392 14.42 20.18 4.56
CA GLU A 392 13.18 20.90 4.26
C GLU A 392 12.17 19.95 3.65
N LEU A 393 10.91 20.37 3.61
CA LEU A 393 9.89 19.61 2.88
C LEU A 393 9.83 20.12 1.44
N SER A 394 9.97 19.19 0.49
CA SER A 394 9.87 19.52 -0.93
C SER A 394 8.97 18.54 -1.68
N LEU A 395 8.00 19.07 -2.41
CA LEU A 395 7.14 18.27 -3.27
C LEU A 395 7.16 18.84 -4.68
N ALA A 396 7.34 17.94 -5.65
CA ALA A 396 7.43 18.33 -7.04
C ALA A 396 6.68 17.34 -7.93
N SER A 397 6.01 17.87 -8.95
CA SER A 397 5.27 17.03 -9.90
C SER A 397 5.77 17.32 -11.30
N GLU A 398 5.69 16.32 -12.17
CA GLU A 398 6.24 16.47 -13.51
C GLU A 398 5.42 17.39 -14.41
N THR A 399 4.11 17.43 -14.20
CA THR A 399 3.27 18.30 -15.04
C THR A 399 1.96 18.72 -14.35
N GLY A 400 1.64 20.01 -14.46
CA GLY A 400 0.39 20.55 -13.94
C GLY A 400 0.16 21.97 -14.40
N LYS A 401 -1.02 22.50 -14.15
CA LYS A 401 -1.34 23.87 -14.51
C LYS A 401 -1.14 24.82 -13.33
N ALA A 402 -0.92 24.26 -12.15
CA ALA A 402 -0.84 25.07 -10.94
C ALA A 402 -0.31 24.26 -9.76
N ILE A 403 0.15 24.95 -8.72
CA ILE A 403 0.45 24.30 -7.45
C ILE A 403 -0.87 24.22 -6.69
N ASP A 404 -1.30 23.00 -6.37
CA ASP A 404 -2.62 22.79 -5.82
C ASP A 404 -2.56 21.76 -4.71
N TYR A 405 -2.77 22.19 -3.47
CA TYR A 405 -2.74 21.26 -2.34
C TYR A 405 -3.73 21.63 -1.23
N TYR A 406 -3.94 20.69 -0.32
CA TYR A 406 -4.89 20.88 0.78
C TYR A 406 -4.18 20.70 2.12
N PHE A 407 -4.20 21.77 2.92
CA PHE A 407 -3.63 21.71 4.26
C PHE A 407 -4.68 21.15 5.21
N VAL A 408 -4.28 20.16 6.00
CA VAL A 408 -5.20 19.49 6.92
C VAL A 408 -4.66 19.52 8.34
N ALA A 409 -5.30 20.28 9.22
CA ALA A 409 -4.94 20.27 10.65
C ALA A 409 -5.58 19.09 11.37
N GLY A 410 -4.93 18.62 12.44
CA GLY A 410 -5.46 17.53 13.22
C GLY A 410 -4.65 17.29 14.46
N ASP A 411 -5.32 17.19 15.60
CA ASP A 411 -4.67 17.00 16.89
C ASP A 411 -4.03 15.63 17.02
N THR A 412 -4.61 14.63 16.34
CA THR A 412 -4.03 13.30 16.30
C THR A 412 -3.88 12.90 14.85
N LYS A 413 -3.10 11.86 14.59
CA LYS A 413 -2.97 11.38 13.22
C LYS A 413 -4.31 10.88 12.68
N ASP A 414 -5.13 10.26 13.52
CA ASP A 414 -6.48 9.87 13.13
C ASP A 414 -7.30 11.08 12.63
N ASP A 415 -7.15 12.22 13.30
CA ASP A 415 -7.85 13.44 12.87
C ASP A 415 -7.40 13.89 11.49
N ILE A 416 -6.09 13.85 11.28
CA ILE A 416 -5.52 14.21 9.98
C ILE A 416 -6.04 13.28 8.87
N ILE A 417 -6.00 11.97 9.12
CA ILE A 417 -6.54 10.98 8.19
C ILE A 417 -8.01 11.30 7.89
N SER A 418 -8.74 11.69 8.93
CA SER A 418 -10.14 12.06 8.73
C SER A 418 -10.31 13.17 7.69
N GLY A 419 -9.42 14.16 7.73
CA GLY A 419 -9.41 15.21 6.72
C GLY A 419 -9.19 14.64 5.31
N TYR A 420 -8.31 13.65 5.20
CA TYR A 420 -8.11 12.98 3.92
C TYR A 420 -9.42 12.32 3.44
N ARG A 421 -10.09 11.60 4.34
CA ARG A 421 -11.33 10.90 4.00
C ARG A 421 -12.41 11.93 3.61
N GLN A 422 -12.42 13.07 4.29
CA GLN A 422 -13.40 14.10 3.98
C GLN A 422 -13.17 14.68 2.59
N LEU A 423 -11.91 14.82 2.20
CA LEU A 423 -11.55 15.36 0.88
C LEU A 423 -11.77 14.35 -0.25
N THR A 424 -11.35 13.11 -0.03
CA THR A 424 -11.27 12.11 -1.10
C THR A 424 -12.35 11.03 -1.01
N GLY A 425 -13.12 11.02 0.07
CA GLY A 425 -14.26 10.12 0.17
C GLY A 425 -14.14 9.13 1.32
N LYS A 426 -15.28 8.78 1.90
CA LYS A 426 -15.32 7.79 2.98
C LYS A 426 -14.71 6.48 2.53
N SER A 427 -14.04 5.78 3.45
CA SER A 427 -13.66 4.40 3.21
C SER A 427 -14.94 3.56 3.38
N VAL A 428 -15.65 3.28 2.29
CA VAL A 428 -16.90 2.55 2.39
C VAL A 428 -16.66 1.14 2.95
N MET A 429 -17.64 0.64 3.70
CA MET A 429 -17.53 -0.68 4.35
C MET A 429 -17.22 -1.74 3.31
N LEU A 430 -16.27 -2.61 3.65
CA LEU A 430 -16.10 -3.86 2.93
C LEU A 430 -17.13 -4.84 3.48
N PRO A 431 -17.41 -5.92 2.75
CA PRO A 431 -18.22 -6.94 3.41
C PRO A 431 -17.43 -7.55 4.57
N LYS A 432 -18.11 -7.99 5.63
CA LYS A 432 -17.40 -8.57 6.75
C LYS A 432 -16.45 -9.71 6.30
N TRP A 433 -16.88 -10.52 5.33
CA TRP A 433 -16.04 -11.63 4.88
C TRP A 433 -14.70 -11.21 4.30
N ALA A 434 -14.60 -9.96 3.88
CA ALA A 434 -13.36 -9.47 3.30
C ALA A 434 -12.24 -9.48 4.34
N TYR A 435 -12.64 -9.48 5.62
CA TYR A 435 -11.67 -9.50 6.73
C TYR A 435 -11.33 -10.91 7.23
N GLY A 436 -11.99 -11.92 6.66
CA GLY A 436 -11.67 -13.31 6.97
C GLY A 436 -10.50 -13.77 6.11
N PHE A 437 -10.13 -15.04 6.22
CA PHE A 437 -9.02 -15.59 5.43
C PHE A 437 -9.36 -15.80 3.94
N TRP A 438 -8.44 -15.37 3.07
CA TRP A 438 -8.52 -15.50 1.63
C TRP A 438 -7.49 -16.52 1.16
N GLN A 439 -7.92 -17.51 0.37
CA GLN A 439 -6.99 -18.41 -0.30
C GLN A 439 -7.01 -18.18 -1.81
N SER A 440 -5.83 -17.95 -2.36
CA SER A 440 -5.67 -17.63 -3.77
C SER A 440 -4.53 -18.48 -4.36
N ARG A 441 -4.48 -18.55 -5.69
CA ARG A 441 -3.40 -19.21 -6.39
C ARG A 441 -3.20 -18.56 -7.75
N GLU A 442 -1.93 -18.53 -8.19
CA GLU A 442 -1.62 -18.29 -9.60
C GLU A 442 -1.20 -19.63 -10.23
N ARG A 443 -2.14 -20.43 -10.74
CA ARG A 443 -3.56 -20.13 -10.71
C ARG A 443 -4.32 -21.45 -10.53
N TYR A 444 -5.56 -21.40 -10.05
CA TYR A 444 -6.40 -22.59 -10.08
C TYR A 444 -6.83 -22.75 -11.53
N LYS A 445 -6.83 -23.99 -12.02
CA LYS A 445 -6.98 -24.24 -13.44
C LYS A 445 -8.34 -24.78 -13.87
N SER A 446 -9.21 -25.05 -12.92
CA SER A 446 -10.54 -25.51 -13.28
C SER A 446 -11.49 -25.26 -12.12
N SER A 447 -12.78 -25.41 -12.39
CA SER A 447 -13.77 -25.32 -11.33
C SER A 447 -13.49 -26.35 -10.25
N ASP A 448 -13.24 -27.59 -10.68
CA ASP A 448 -12.96 -28.69 -9.77
C ASP A 448 -11.79 -28.38 -8.82
N GLU A 449 -10.74 -27.76 -9.34
CA GLU A 449 -9.58 -27.44 -8.52
C GLU A 449 -9.96 -26.42 -7.45
N ILE A 450 -10.78 -25.45 -7.83
CA ILE A 450 -11.23 -24.45 -6.87
C ILE A 450 -12.03 -25.12 -5.75
N ILE A 451 -13.04 -25.90 -6.15
CA ILE A 451 -13.88 -26.58 -5.20
C ILE A 451 -13.11 -27.51 -4.29
N GLN A 452 -12.23 -28.32 -4.88
CA GLN A 452 -11.42 -29.27 -4.12
C GLN A 452 -10.57 -28.60 -3.03
N ASN A 453 -9.93 -27.49 -3.38
CA ASN A 453 -9.15 -26.78 -2.39
C ASN A 453 -9.99 -26.14 -1.28
N LEU A 454 -11.14 -25.57 -1.62
CA LEU A 454 -12.00 -24.98 -0.60
C LEU A 454 -12.48 -26.10 0.32
N LYS A 455 -12.85 -27.22 -0.26
CA LYS A 455 -13.34 -28.36 0.50
C LYS A 455 -12.29 -28.91 1.45
N GLU A 456 -11.05 -28.95 0.98
CA GLU A 456 -9.95 -29.44 1.79
C GLU A 456 -9.82 -28.60 3.08
N TYR A 457 -9.90 -27.28 2.96
CA TYR A 457 -9.92 -26.41 4.12
C TYR A 457 -11.05 -26.77 5.09
N ARG A 458 -12.27 -26.89 4.56
CA ARG A 458 -13.44 -27.22 5.37
C ARG A 458 -13.28 -28.58 6.03
N ASP A 459 -12.74 -29.55 5.29
CA ASP A 459 -12.48 -30.87 5.82
C ASP A 459 -11.47 -30.87 6.97
N ARG A 460 -10.52 -29.93 6.92
CA ARG A 460 -9.47 -29.89 7.93
C ARG A 460 -9.88 -28.92 9.04
N LYS A 461 -11.08 -28.38 8.92
CA LYS A 461 -11.56 -27.43 9.92
C LYS A 461 -10.57 -26.28 10.09
N ILE A 462 -9.99 -25.83 8.99
CA ILE A 462 -9.20 -24.62 8.98
C ILE A 462 -10.09 -23.50 8.44
N PRO A 463 -10.38 -22.49 9.27
CA PRO A 463 -11.30 -21.41 8.87
C PRO A 463 -10.89 -20.74 7.55
N ILE A 464 -11.89 -20.35 6.77
CA ILE A 464 -11.67 -19.65 5.51
C ILE A 464 -12.97 -19.04 5.01
N ASP A 465 -12.91 -17.83 4.47
CA ASP A 465 -14.09 -17.20 3.88
C ASP A 465 -14.10 -17.15 2.35
N ASN A 466 -12.91 -16.98 1.76
CA ASN A 466 -12.84 -16.58 0.37
C ASN A 466 -11.82 -17.35 -0.45
N ILE A 467 -12.18 -17.65 -1.68
CA ILE A 467 -11.24 -18.28 -2.60
C ILE A 467 -11.25 -17.49 -3.90
N VAL A 468 -10.16 -17.58 -4.66
CA VAL A 468 -9.95 -16.65 -5.77
C VAL A 468 -9.61 -17.36 -7.08
N LEU A 469 -10.28 -16.93 -8.15
CA LEU A 469 -9.96 -17.38 -9.50
C LEU A 469 -9.11 -16.33 -10.21
N ASP A 470 -7.88 -16.69 -10.50
CA ASP A 470 -6.91 -15.80 -11.16
C ASP A 470 -7.18 -15.76 -12.67
N TRP A 471 -6.26 -15.16 -13.41
CA TRP A 471 -6.43 -14.97 -14.84
C TRP A 471 -6.56 -16.30 -15.60
N SER A 472 -6.94 -16.20 -16.87
CA SER A 472 -6.82 -17.29 -17.81
C SER A 472 -7.95 -18.33 -17.79
N TYR A 473 -9.12 -17.95 -17.27
CA TYR A 473 -10.30 -18.82 -17.33
C TYR A 473 -11.04 -18.72 -18.66
N TRP A 474 -10.60 -17.82 -19.54
CA TRP A 474 -11.27 -17.59 -20.82
C TRP A 474 -10.58 -18.38 -21.94
N PRO A 475 -11.27 -18.58 -23.08
CA PRO A 475 -10.61 -19.23 -24.22
C PRO A 475 -9.34 -18.46 -24.56
N GLU A 476 -8.26 -19.17 -24.87
CA GLU A 476 -6.94 -18.55 -24.97
C GLU A 476 -6.84 -17.32 -25.88
N ASP A 477 -7.53 -17.35 -27.03
CA ASP A 477 -7.44 -16.25 -28.00
C ASP A 477 -8.47 -15.13 -27.78
N ALA A 478 -9.10 -15.10 -26.60
CA ALA A 478 -10.20 -14.19 -26.37
C ALA A 478 -10.14 -13.44 -25.02
N TRP A 479 -8.93 -13.05 -24.62
CA TRP A 479 -8.77 -12.17 -23.46
C TRP A 479 -9.58 -10.89 -23.68
N GLY A 480 -10.51 -10.60 -22.75
CA GLY A 480 -11.35 -9.42 -22.86
C GLY A 480 -12.80 -9.72 -23.17
N SER A 481 -13.06 -10.96 -23.60
CA SER A 481 -14.41 -11.41 -23.91
C SER A 481 -15.17 -11.74 -22.63
N HIS A 482 -14.43 -12.06 -21.57
CA HIS A 482 -15.01 -12.48 -20.29
C HIS A 482 -15.83 -13.78 -20.40
N ASP A 483 -15.60 -14.55 -21.46
CA ASP A 483 -16.19 -15.88 -21.58
C ASP A 483 -15.38 -16.86 -20.73
N PHE A 484 -16.01 -17.99 -20.41
CA PHE A 484 -15.35 -19.04 -19.66
C PHE A 484 -15.03 -20.23 -20.55
N ASP A 485 -13.77 -20.65 -20.55
CA ASP A 485 -13.37 -21.80 -21.34
C ASP A 485 -14.13 -23.05 -20.87
N LYS A 486 -14.93 -23.62 -21.77
CA LYS A 486 -15.78 -24.78 -21.47
C LYS A 486 -14.98 -25.99 -20.99
N GLN A 487 -13.74 -26.12 -21.43
CA GLN A 487 -12.93 -27.27 -21.08
C GLN A 487 -12.58 -27.31 -19.59
N PHE A 488 -12.43 -26.14 -18.98
CA PHE A 488 -11.96 -26.07 -17.59
C PHE A 488 -12.97 -25.43 -16.64
N PHE A 489 -13.81 -24.57 -17.18
CA PHE A 489 -14.82 -23.89 -16.40
C PHE A 489 -16.16 -23.97 -17.13
N PRO A 490 -16.71 -25.20 -17.22
CA PRO A 490 -17.88 -25.47 -18.05
C PRO A 490 -19.14 -24.74 -17.60
N ASP A 491 -19.26 -24.48 -16.30
CA ASP A 491 -20.48 -23.88 -15.75
C ASP A 491 -20.16 -22.89 -14.64
N PRO A 492 -19.87 -21.64 -14.99
CA PRO A 492 -19.40 -20.69 -13.97
C PRO A 492 -20.44 -20.50 -12.85
N LYS A 493 -21.72 -20.53 -13.19
CA LYS A 493 -22.73 -20.39 -12.15
C LYS A 493 -22.73 -21.58 -11.20
N ALA A 494 -22.55 -22.79 -11.72
CA ALA A 494 -22.44 -23.97 -10.85
C ALA A 494 -21.21 -23.83 -9.95
N LEU A 495 -20.13 -23.30 -10.50
CA LEU A 495 -18.92 -23.03 -9.73
C LEU A 495 -19.23 -22.11 -8.54
N VAL A 496 -19.87 -20.99 -8.82
CA VAL A 496 -20.21 -20.02 -7.78
C VAL A 496 -21.17 -20.63 -6.76
N ASP A 497 -22.12 -21.43 -7.25
CA ASP A 497 -23.11 -22.08 -6.38
C ASP A 497 -22.48 -23.07 -5.38
N LYS A 498 -21.46 -23.81 -5.81
CA LYS A 498 -20.77 -24.72 -4.90
C LYS A 498 -19.97 -23.95 -3.85
N VAL A 499 -19.28 -22.90 -4.27
CA VAL A 499 -18.53 -22.09 -3.32
C VAL A 499 -19.51 -21.58 -2.25
N HIS A 500 -20.64 -21.06 -2.72
CA HIS A 500 -21.63 -20.52 -1.81
C HIS A 500 -22.26 -21.59 -0.91
N ALA A 501 -22.49 -22.77 -1.46
CA ALA A 501 -23.01 -23.85 -0.63
C ALA A 501 -22.02 -24.22 0.46
N MET A 502 -20.75 -23.91 0.25
CA MET A 502 -19.72 -24.13 1.26
C MET A 502 -19.48 -22.89 2.12
N ASN A 503 -20.40 -21.94 2.04
CA ASN A 503 -20.39 -20.76 2.91
C ASN A 503 -19.16 -19.91 2.73
N ALA A 504 -18.73 -19.79 1.48
CA ALA A 504 -17.56 -19.03 1.14
C ALA A 504 -17.90 -18.08 -0.01
N GLN A 505 -16.98 -17.19 -0.32
CA GLN A 505 -17.17 -16.24 -1.40
C GLN A 505 -16.09 -16.50 -2.43
N ILE A 506 -16.34 -16.07 -3.67
CA ILE A 506 -15.35 -16.24 -4.70
C ILE A 506 -15.09 -14.94 -5.46
N MET A 507 -13.82 -14.60 -5.58
CA MET A 507 -13.44 -13.41 -6.32
C MET A 507 -12.84 -13.84 -7.65
N ILE A 508 -13.06 -13.06 -8.70
CA ILE A 508 -12.52 -13.40 -10.01
C ILE A 508 -11.74 -12.25 -10.63
N SER A 509 -10.63 -12.60 -11.27
CA SER A 509 -9.76 -11.63 -11.94
C SER A 509 -10.41 -11.03 -13.22
N VAL A 510 -10.29 -9.72 -13.37
CA VAL A 510 -10.62 -9.04 -14.61
C VAL A 510 -9.60 -7.93 -14.83
N TRP A 511 -8.90 -7.97 -15.96
CA TRP A 511 -7.93 -6.94 -16.34
C TRP A 511 -8.60 -5.85 -17.18
N PRO A 512 -7.89 -4.75 -17.44
CA PRO A 512 -8.36 -3.70 -18.35
C PRO A 512 -7.92 -4.02 -19.79
N LYS A 513 -7.58 -5.29 -20.00
CA LYS A 513 -6.89 -5.76 -21.19
C LYS A 513 -7.82 -6.46 -22.18
N PHE A 514 -7.66 -6.12 -23.46
CA PHE A 514 -8.50 -6.68 -24.50
C PHE A 514 -7.68 -7.03 -25.75
N TYR A 515 -7.92 -8.23 -26.30
CA TYR A 515 -7.41 -8.58 -27.61
C TYR A 515 -8.31 -7.92 -28.66
N PRO A 516 -7.72 -7.34 -29.71
CA PRO A 516 -8.47 -6.59 -30.74
C PRO A 516 -9.44 -7.46 -31.54
N THR A 517 -9.36 -8.78 -31.40
CA THR A 517 -10.30 -9.67 -32.07
C THR A 517 -11.63 -9.83 -31.31
N THR A 518 -11.73 -9.31 -30.08
CA THR A 518 -12.95 -9.51 -29.30
C THR A 518 -14.02 -8.46 -29.57
N ASP A 519 -15.28 -8.90 -29.52
CA ASP A 519 -16.41 -7.98 -29.59
C ASP A 519 -16.28 -6.86 -28.58
N ASN A 520 -15.85 -7.20 -27.37
CA ASN A 520 -15.70 -6.22 -26.30
C ASN A 520 -14.66 -5.16 -26.64
N TYR A 521 -13.52 -5.60 -27.16
CA TYR A 521 -12.53 -4.65 -27.64
C TYR A 521 -13.19 -3.71 -28.66
N LYS A 522 -13.99 -4.29 -29.57
CA LYS A 522 -14.49 -3.52 -30.70
C LYS A 522 -15.53 -2.48 -30.27
N GLU A 523 -16.31 -2.82 -29.25
CA GLU A 523 -17.33 -1.91 -28.76
C GLU A 523 -16.64 -0.73 -28.11
N LEU A 524 -15.57 -1.00 -27.37
CA LEU A 524 -14.86 0.06 -26.68
C LEU A 524 -14.09 0.92 -27.69
N ASN A 525 -13.46 0.26 -28.65
CA ASN A 525 -12.71 0.95 -29.67
C ASN A 525 -13.55 1.87 -30.55
N ALA A 526 -14.78 1.45 -30.87
CA ALA A 526 -15.66 2.26 -31.71
C ALA A 526 -15.92 3.63 -31.09
N LYS A 527 -15.79 3.73 -29.77
CA LYS A 527 -16.01 5.00 -29.09
C LYS A 527 -14.70 5.74 -28.75
N GLY A 528 -13.59 5.21 -29.26
CA GLY A 528 -12.28 5.79 -29.03
C GLY A 528 -11.72 5.51 -27.65
N PHE A 529 -12.21 4.47 -26.99
CA PHE A 529 -11.83 4.17 -25.60
C PHE A 529 -10.70 3.12 -25.43
N MET A 530 -10.03 2.77 -26.52
CA MET A 530 -8.89 1.84 -26.42
C MET A 530 -7.55 2.56 -26.68
N PHE A 531 -6.55 2.27 -25.84
CA PHE A 531 -5.18 2.76 -26.05
C PHE A 531 -4.49 1.84 -27.06
N ASN A 532 -4.56 2.21 -28.34
CA ASN A 532 -4.12 1.36 -29.42
C ASN A 532 -2.63 1.42 -29.79
N ARG A 533 -1.88 2.32 -29.14
CA ARG A 533 -0.45 2.42 -29.44
C ARG A 533 0.29 1.10 -29.20
N ASN A 534 -0.14 0.34 -28.20
CA ASN A 534 0.48 -0.96 -27.95
C ASN A 534 0.27 -1.94 -29.10
N LEU A 535 -0.82 -1.75 -29.84
CA LEU A 535 -1.03 -2.50 -31.08
C LEU A 535 -0.06 -2.02 -32.18
N ASP A 536 0.10 -0.71 -32.31
CA ASP A 536 1.02 -0.16 -33.31
C ASP A 536 2.44 -0.64 -33.05
N GLU A 537 2.77 -0.78 -31.78
CA GLU A 537 4.10 -1.19 -31.35
C GLU A 537 4.27 -2.68 -31.53
N LYS A 538 3.15 -3.38 -31.74
CA LYS A 538 3.17 -4.83 -31.90
C LYS A 538 3.78 -5.54 -30.69
N ASN A 539 3.45 -5.05 -29.51
CA ASN A 539 3.90 -5.68 -28.28
C ASN A 539 3.03 -6.89 -27.96
N LEU A 540 3.60 -8.08 -28.17
CA LEU A 540 2.86 -9.34 -27.97
C LEU A 540 2.94 -9.74 -26.52
N ASP A 541 1.87 -10.34 -26.01
CA ASP A 541 1.88 -10.79 -24.61
C ASP A 541 2.54 -12.16 -24.53
N TRP A 542 2.55 -12.74 -23.34
CA TRP A 542 3.33 -13.95 -23.04
C TRP A 542 2.61 -15.26 -23.35
N ILE A 543 1.38 -15.21 -23.86
CA ILE A 543 0.62 -16.44 -24.08
C ILE A 543 0.82 -17.06 -25.47
N GLY A 544 1.31 -18.29 -25.49
CA GLY A 544 1.48 -19.01 -26.74
C GLY A 544 2.46 -18.31 -27.65
N LYS A 545 2.05 -18.10 -28.91
CA LYS A 545 2.89 -17.39 -29.87
C LYS A 545 2.96 -15.91 -29.51
N GLY A 546 2.04 -15.48 -28.63
CA GLY A 546 1.98 -14.09 -28.21
C GLY A 546 0.86 -13.37 -28.93
N TYR A 547 0.08 -12.60 -28.19
CA TYR A 547 -1.08 -11.91 -28.76
C TYR A 547 -0.95 -10.39 -28.72
N LEU A 548 -1.39 -9.75 -29.80
CA LEU A 548 -1.59 -8.31 -29.81
C LEU A 548 -2.68 -7.97 -28.78
N ASN A 549 -2.50 -6.88 -28.05
CA ASN A 549 -3.44 -6.51 -27.00
C ASN A 549 -3.37 -5.04 -26.67
N ALA A 550 -4.48 -4.51 -26.16
CA ALA A 550 -4.54 -3.12 -25.74
C ALA A 550 -5.29 -3.02 -24.42
N PHE A 551 -5.10 -1.89 -23.74
CA PHE A 551 -5.82 -1.61 -22.50
C PHE A 551 -6.78 -0.46 -22.76
N TYR A 552 -7.90 -0.45 -22.05
CA TYR A 552 -8.88 0.58 -22.30
C TYR A 552 -8.59 1.84 -21.48
N ASP A 553 -9.33 2.90 -21.78
CA ASP A 553 -9.12 4.23 -21.21
C ASP A 553 -10.23 4.54 -20.22
N PRO A 554 -9.92 4.43 -18.92
CA PRO A 554 -10.99 4.54 -17.93
C PRO A 554 -11.20 5.98 -17.49
N PHE A 555 -10.56 6.94 -18.16
CA PHE A 555 -10.60 8.33 -17.68
C PHE A 555 -11.87 9.11 -18.00
N SER A 556 -12.80 8.49 -18.73
CA SER A 556 -14.15 9.03 -18.84
C SER A 556 -15.17 8.00 -18.37
N PRO A 557 -16.22 8.48 -17.69
CA PRO A 557 -17.25 7.60 -17.11
C PRO A 557 -17.99 6.81 -18.20
N GLU A 558 -18.06 7.37 -19.41
CA GLU A 558 -18.70 6.66 -20.52
C GLU A 558 -17.95 5.38 -20.83
N ALA A 559 -16.62 5.44 -20.77
CA ALA A 559 -15.80 4.23 -20.96
C ALA A 559 -15.98 3.23 -19.80
N THR A 560 -15.90 3.70 -18.57
CA THR A 560 -15.98 2.77 -17.45
C THR A 560 -17.36 2.11 -17.39
N ALA A 561 -18.40 2.83 -17.85
CA ALA A 561 -19.75 2.29 -17.86
C ALA A 561 -19.87 1.07 -18.80
N ILE A 562 -19.19 1.16 -19.94
CA ILE A 562 -19.14 0.08 -20.91
C ILE A 562 -18.34 -1.10 -20.35
N PHE A 563 -17.17 -0.80 -19.79
CA PHE A 563 -16.37 -1.81 -19.12
C PHE A 563 -17.21 -2.58 -18.09
N TRP A 564 -17.91 -1.84 -17.24
CA TRP A 564 -18.78 -2.46 -16.24
C TRP A 564 -19.90 -3.29 -16.89
N LYS A 565 -20.58 -2.74 -17.90
CA LYS A 565 -21.72 -3.45 -18.49
C LYS A 565 -21.26 -4.79 -19.05
N GLN A 566 -20.06 -4.81 -19.63
CA GLN A 566 -19.52 -6.02 -20.21
C GLN A 566 -19.29 -7.08 -19.16
N ILE A 567 -18.65 -6.73 -18.05
CA ILE A 567 -18.46 -7.72 -17.00
C ILE A 567 -19.78 -8.04 -16.28
N ARG A 568 -20.71 -7.08 -16.25
CA ARG A 568 -22.01 -7.33 -15.65
C ARG A 568 -22.71 -8.44 -16.42
N ASP A 569 -22.69 -8.31 -17.75
CA ASP A 569 -23.39 -9.24 -18.63
C ASP A 569 -22.75 -10.63 -18.67
N LYS A 570 -21.43 -10.69 -18.50
CA LYS A 570 -20.69 -11.93 -18.70
C LYS A 570 -20.35 -12.66 -17.40
N ILE A 571 -20.13 -11.91 -16.33
CA ILE A 571 -19.58 -12.49 -15.11
C ILE A 571 -20.49 -12.28 -13.89
N ASN A 572 -20.94 -11.05 -13.71
CA ASN A 572 -21.81 -10.76 -12.59
C ASN A 572 -23.07 -11.62 -12.59
N VAL A 573 -23.55 -11.99 -13.78
CA VAL A 573 -24.77 -12.80 -13.83
C VAL A 573 -24.60 -14.15 -13.14
N HIS A 574 -23.37 -14.63 -13.05
CA HIS A 574 -23.12 -15.93 -12.45
C HIS A 574 -22.99 -15.91 -10.93
N GLY A 575 -23.03 -14.72 -10.33
CA GLY A 575 -23.04 -14.59 -8.88
C GLY A 575 -21.70 -14.40 -8.17
N PHE A 576 -20.63 -14.18 -8.91
CA PHE A 576 -19.33 -13.91 -8.29
C PHE A 576 -19.42 -12.75 -7.31
N ASP A 577 -18.69 -12.83 -6.20
CA ASP A 577 -18.86 -11.93 -5.07
C ASP A 577 -17.98 -10.69 -5.13
N ALA A 578 -16.88 -10.78 -5.87
CA ALA A 578 -15.86 -9.74 -5.80
C ALA A 578 -15.06 -9.66 -7.09
N TRP A 579 -14.47 -8.49 -7.34
CA TRP A 579 -13.67 -8.28 -8.54
C TRP A 579 -12.20 -8.07 -8.20
N TRP A 580 -11.35 -8.87 -8.83
CA TRP A 580 -9.92 -8.71 -8.67
C TRP A 580 -9.43 -7.90 -9.87
N LEU A 581 -9.44 -6.58 -9.73
CA LEU A 581 -9.07 -5.69 -10.82
C LEU A 581 -7.55 -5.56 -10.91
N ASP A 582 -6.93 -6.46 -11.67
CA ASP A 582 -5.48 -6.59 -11.76
C ASP A 582 -4.87 -5.68 -12.83
N ALA A 583 -3.56 -5.44 -12.70
CA ALA A 583 -2.78 -4.78 -13.75
C ALA A 583 -3.27 -3.37 -14.08
N VAL A 584 -3.80 -2.68 -13.08
CA VAL A 584 -4.40 -1.35 -13.26
C VAL A 584 -3.41 -0.17 -13.11
N GLU A 585 -2.11 -0.45 -13.17
CA GLU A 585 -1.11 0.64 -13.15
C GLU A 585 -1.34 1.73 -14.25
N PRO A 586 -1.63 1.33 -15.50
CA PRO A 586 -1.76 -0.02 -16.06
C PRO A 586 -0.39 -0.59 -16.42
N ASP A 587 -0.30 -1.91 -16.48
CA ASP A 587 0.90 -2.55 -16.97
C ASP A 587 0.58 -3.12 -18.34
N ILE A 588 0.59 -2.26 -19.34
CA ILE A 588 0.16 -2.64 -20.69
C ILE A 588 1.19 -3.60 -21.29
N HIS A 589 2.45 -3.23 -21.16
CA HIS A 589 3.55 -4.12 -21.54
C HIS A 589 4.70 -3.96 -20.57
N SER A 590 5.06 -5.04 -19.89
CA SER A 590 6.04 -4.97 -18.83
C SER A 590 7.43 -4.59 -19.32
N ASN A 591 8.14 -3.82 -18.50
CA ASN A 591 9.57 -3.54 -18.71
C ASN A 591 9.93 -2.56 -19.82
N LEU A 592 8.95 -1.79 -20.29
CA LEU A 592 9.25 -0.67 -21.15
C LEU A 592 9.73 0.48 -20.28
N THR A 593 10.38 1.46 -20.89
CA THR A 593 10.75 2.67 -20.15
C THR A 593 9.50 3.32 -19.61
N PHE A 594 9.63 4.11 -18.56
CA PHE A 594 8.46 4.80 -18.03
C PHE A 594 7.92 5.87 -18.99
N GLU A 595 8.81 6.44 -19.81
CA GLU A 595 8.39 7.34 -20.89
C GLU A 595 7.46 6.62 -21.89
N LYS A 596 7.84 5.43 -22.30
CA LYS A 596 7.01 4.63 -23.19
C LYS A 596 5.65 4.30 -22.54
N ARG A 597 5.66 3.98 -21.25
CA ARG A 597 4.43 3.73 -20.51
C ARG A 597 3.49 4.95 -20.55
N LYS A 598 4.07 6.14 -20.41
CA LYS A 598 3.28 7.36 -20.49
C LYS A 598 2.68 7.47 -21.88
N TRP A 599 3.53 7.25 -22.89
CA TRP A 599 3.19 7.44 -24.29
C TRP A 599 2.05 6.51 -24.71
N LEU A 600 2.06 5.28 -24.20
CA LEU A 600 1.04 4.26 -24.50
C LEU A 600 -0.36 4.69 -24.06
N MET A 601 -0.44 5.65 -23.14
CA MET A 601 -1.72 6.13 -22.62
C MET A 601 -2.15 7.48 -23.21
N THR A 602 -1.56 7.83 -24.35
CA THR A 602 -1.87 9.08 -25.04
C THR A 602 -2.50 8.78 -26.40
N PRO A 603 -3.57 9.51 -26.75
CA PRO A 603 -4.25 10.45 -25.85
C PRO A 603 -5.28 9.74 -24.97
N ASN A 604 -5.64 10.33 -23.84
CA ASN A 604 -6.70 9.79 -23.00
C ASN A 604 -7.68 10.90 -22.68
N ALA A 605 -8.77 10.58 -22.00
CA ALA A 605 -9.81 11.59 -21.79
C ALA A 605 -9.30 12.85 -21.08
N ARG A 606 -8.24 12.72 -20.28
CA ARG A 606 -7.73 13.85 -19.49
C ARG A 606 -6.50 14.50 -20.09
N GLY A 607 -6.00 13.97 -21.19
CA GLY A 607 -4.83 14.53 -21.85
C GLY A 607 -3.79 13.48 -22.19
N ASN A 608 -2.55 13.72 -21.74
CA ASN A 608 -1.42 12.83 -21.97
C ASN A 608 -1.28 11.80 -20.85
N GLY A 609 -0.63 10.67 -21.16
CA GLY A 609 -0.34 9.66 -20.15
C GLY A 609 0.46 10.24 -18.98
N ALA A 610 1.40 11.13 -19.28
CA ALA A 610 2.24 11.73 -18.25
C ALA A 610 1.42 12.53 -17.23
N GLU A 611 0.29 13.09 -17.69
CA GLU A 611 -0.54 13.95 -16.85
C GLU A 611 -1.41 13.19 -15.83
N ILE A 612 -1.66 11.91 -16.07
CA ILE A 612 -2.47 11.13 -15.13
C ILE A 612 -1.79 9.83 -14.73
N PHE A 613 -0.46 9.83 -14.75
CA PHE A 613 0.29 8.59 -14.61
C PHE A 613 -0.05 7.79 -13.35
N ASN A 614 -0.42 8.48 -12.26
CA ASN A 614 -0.60 7.79 -10.99
C ASN A 614 -2.05 7.46 -10.69
N ALA A 615 -2.96 7.81 -11.61
CA ALA A 615 -4.38 7.89 -11.26
C ALA A 615 -5.30 6.84 -11.90
N TYR A 616 -4.73 5.95 -12.69
CA TYR A 616 -5.52 4.99 -13.46
C TYR A 616 -6.53 4.20 -12.60
N ALA A 617 -6.06 3.68 -11.47
CA ALA A 617 -6.89 2.82 -10.62
C ALA A 617 -8.19 3.44 -10.11
N VAL A 618 -8.21 4.75 -9.91
CA VAL A 618 -9.40 5.34 -9.29
C VAL A 618 -10.64 5.35 -10.20
N PRO A 619 -10.57 6.02 -11.38
CA PRO A 619 -11.75 6.03 -12.25
C PRO A 619 -12.15 4.61 -12.64
N HIS A 620 -11.17 3.72 -12.76
CA HIS A 620 -11.43 2.34 -13.15
C HIS A 620 -12.26 1.62 -12.08
N ALA A 621 -11.79 1.62 -10.85
CA ALA A 621 -12.50 0.96 -9.77
C ALA A 621 -13.87 1.61 -9.55
N GLU A 622 -13.91 2.93 -9.71
CA GLU A 622 -15.14 3.70 -9.50
C GLU A 622 -16.25 3.26 -10.44
N GLY A 623 -15.88 2.97 -11.69
CA GLY A 623 -16.84 2.51 -12.67
C GLY A 623 -17.48 1.21 -12.21
N VAL A 624 -16.64 0.32 -11.69
CA VAL A 624 -17.13 -0.97 -11.24
C VAL A 624 -17.98 -0.81 -9.99
N TYR A 625 -17.50 0.01 -9.05
CA TYR A 625 -18.25 0.26 -7.82
C TYR A 625 -19.60 0.92 -8.13
N GLN A 626 -19.61 1.91 -9.00
CA GLN A 626 -20.87 2.57 -9.35
C GLN A 626 -21.82 1.62 -10.07
N GLY A 627 -21.23 0.74 -10.90
CA GLY A 627 -22.00 -0.26 -11.61
C GLY A 627 -22.68 -1.21 -10.66
N GLU A 628 -21.93 -1.65 -9.64
CA GLU A 628 -22.46 -2.54 -8.62
C GLU A 628 -23.61 -1.90 -7.85
N LEU A 629 -23.45 -0.63 -7.49
CA LEU A 629 -24.50 0.09 -6.78
C LEU A 629 -25.79 0.11 -7.59
N ALA A 630 -25.66 0.37 -8.89
CA ALA A 630 -26.84 0.44 -9.74
C ALA A 630 -27.49 -0.93 -9.90
N THR A 631 -26.71 -1.99 -9.70
CA THR A 631 -27.18 -3.37 -9.89
C THR A 631 -27.93 -3.88 -8.67
N ASP A 632 -27.20 -4.05 -7.56
CA ASP A 632 -27.87 -4.28 -6.26
C ASP A 632 -27.51 -3.16 -5.28
N GLY A 633 -28.51 -2.33 -4.96
CA GLY A 633 -28.34 -1.24 -4.02
C GLY A 633 -28.54 -1.66 -2.58
N ASP A 634 -28.34 -2.95 -2.29
CA ASP A 634 -28.34 -3.41 -0.91
C ASP A 634 -27.29 -4.50 -0.62
N LYS A 635 -26.32 -4.66 -1.51
CA LYS A 635 -25.24 -5.61 -1.28
C LYS A 635 -23.93 -4.88 -1.37
N ARG A 636 -23.03 -5.10 -0.40
CA ARG A 636 -21.71 -4.48 -0.45
C ARG A 636 -20.90 -5.18 -1.53
N SER A 637 -20.23 -4.39 -2.36
CA SER A 637 -19.37 -4.94 -3.38
C SER A 637 -17.98 -5.07 -2.79
N PHE A 638 -17.09 -5.78 -3.46
CA PHE A 638 -15.70 -5.78 -3.06
C PHE A 638 -14.77 -5.83 -4.26
N ILE A 639 -13.75 -4.99 -4.21
CA ILE A 639 -12.69 -4.97 -5.21
C ILE A 639 -11.31 -5.14 -4.56
N LEU A 640 -10.49 -6.01 -5.11
CA LEU A 640 -9.07 -6.02 -4.75
C LEU A 640 -8.35 -5.56 -6.00
N THR A 641 -7.53 -4.53 -5.89
CA THR A 641 -6.91 -3.96 -7.09
C THR A 641 -5.42 -3.65 -6.86
N ARG A 642 -4.64 -3.62 -7.93
CA ARG A 642 -3.18 -3.65 -7.77
C ARG A 642 -2.54 -2.27 -7.79
N SER A 643 -3.35 -1.26 -8.01
CA SER A 643 -2.87 0.09 -7.90
C SER A 643 -3.91 0.95 -7.22
N GLY A 644 -3.52 2.16 -6.88
CA GLY A 644 -4.41 3.07 -6.18
C GLY A 644 -3.92 4.50 -6.34
N PHE A 645 -4.59 5.41 -5.64
CA PHE A 645 -4.30 6.83 -5.68
C PHE A 645 -5.28 7.44 -4.68
N GLY A 646 -5.18 8.74 -4.43
CA GLY A 646 -6.10 9.36 -3.49
C GLY A 646 -7.53 9.06 -3.89
N GLY A 647 -8.35 8.64 -2.93
CA GLY A 647 -9.75 8.37 -3.20
C GLY A 647 -10.08 6.92 -3.51
N ILE A 648 -9.07 6.06 -3.65
CA ILE A 648 -9.35 4.68 -3.99
C ILE A 648 -10.32 4.02 -2.98
N GLN A 649 -10.26 4.44 -1.72
CA GLN A 649 -11.08 3.80 -0.70
C GLN A 649 -12.57 4.09 -0.86
N ARG A 650 -12.91 5.10 -1.66
CA ARG A 650 -14.33 5.38 -1.85
C ARG A 650 -15.00 4.40 -2.81
N THR A 651 -14.20 3.50 -3.40
CA THR A 651 -14.73 2.56 -4.39
C THR A 651 -14.93 1.15 -3.84
N GLY A 652 -14.78 1.00 -2.53
CA GLY A 652 -14.94 -0.30 -1.90
C GLY A 652 -13.82 -1.23 -2.32
N SER A 653 -12.62 -0.68 -2.41
CA SER A 653 -11.48 -1.44 -2.90
C SER A 653 -10.40 -1.56 -1.85
N ALA A 654 -9.84 -2.75 -1.72
CA ALA A 654 -8.56 -2.95 -1.05
C ALA A 654 -7.48 -2.99 -2.12
N ILE A 655 -6.25 -2.71 -1.72
CA ILE A 655 -5.12 -2.76 -2.62
C ILE A 655 -4.08 -3.70 -2.04
N TRP A 656 -3.19 -4.24 -2.90
CA TRP A 656 -2.11 -5.08 -2.40
C TRP A 656 -0.81 -4.72 -3.09
N SER A 657 0.30 -5.10 -2.48
CA SER A 657 1.60 -4.59 -2.92
C SER A 657 2.12 -5.25 -4.19
N GLY A 658 1.31 -6.13 -4.80
CA GLY A 658 1.64 -6.71 -6.08
C GLY A 658 2.61 -7.89 -6.04
N ASP A 659 3.40 -8.01 -7.10
CA ASP A 659 4.24 -9.18 -7.35
C ASP A 659 5.60 -9.12 -6.66
N ILE A 660 5.57 -9.08 -5.34
CA ILE A 660 6.77 -9.11 -4.54
C ILE A 660 7.34 -10.52 -4.59
N VAL A 661 8.52 -10.73 -4.02
CA VAL A 661 9.16 -12.05 -4.10
C VAL A 661 9.22 -12.78 -2.75
N SER A 662 9.35 -14.10 -2.83
CA SER A 662 9.45 -14.95 -1.65
C SER A 662 10.82 -14.80 -0.98
N ARG A 663 11.11 -13.58 -0.52
CA ARG A 663 12.40 -13.27 0.05
C ARG A 663 12.20 -12.54 1.38
N TRP A 664 13.07 -12.83 2.33
CA TRP A 664 13.03 -12.21 3.63
C TRP A 664 13.05 -10.69 3.55
N SER A 665 13.90 -10.16 2.68
CA SER A 665 14.00 -8.71 2.55
C SER A 665 12.67 -8.10 2.09
N ASP A 666 11.96 -8.80 1.19
CA ASP A 666 10.65 -8.33 0.74
C ASP A 666 9.66 -8.37 1.88
N MET A 667 9.66 -9.47 2.62
CA MET A 667 8.76 -9.58 3.75
C MET A 667 8.99 -8.41 4.69
N LYS A 668 10.25 -8.15 5.03
CA LYS A 668 10.59 -7.04 5.90
C LYS A 668 10.02 -5.73 5.37
N ASP A 669 10.25 -5.47 4.09
CA ASP A 669 9.79 -4.25 3.41
C ASP A 669 8.26 -4.07 3.44
N GLN A 670 7.51 -5.16 3.48
CA GLN A 670 6.05 -5.01 3.44
C GLN A 670 5.53 -4.30 4.68
N ILE A 671 6.33 -4.27 5.74
CA ILE A 671 5.94 -3.59 6.95
C ILE A 671 5.83 -2.08 6.70
N ALA A 672 6.93 -1.46 6.24
CA ALA A 672 6.90 -0.05 5.86
C ALA A 672 5.87 0.19 4.74
N ALA A 673 5.78 -0.75 3.80
CA ALA A 673 4.83 -0.62 2.70
C ALA A 673 3.40 -0.39 3.19
N GLY A 674 2.99 -1.19 4.17
CA GLY A 674 1.64 -1.10 4.72
C GLY A 674 1.45 0.10 5.64
N ILE A 675 2.47 0.39 6.45
CA ILE A 675 2.41 1.54 7.32
C ILE A 675 2.18 2.83 6.52
N GLY A 676 2.97 3.00 5.46
CA GLY A 676 2.90 4.19 4.64
C GLY A 676 1.58 4.30 3.89
N THR A 677 1.04 3.16 3.46
CA THR A 677 -0.26 3.13 2.80
C THR A 677 -1.36 3.59 3.76
N ASN A 678 -1.34 3.02 4.96
CA ASN A 678 -2.30 3.39 5.99
C ASN A 678 -2.17 4.85 6.45
N LEU A 679 -0.94 5.32 6.66
CA LEU A 679 -0.76 6.72 7.05
C LEU A 679 -1.12 7.70 5.93
N ALA A 680 -1.18 7.21 4.70
CA ALA A 680 -1.66 8.04 3.60
C ALA A 680 -3.20 8.08 3.50
N GLY A 681 -3.88 7.35 4.40
CA GLY A 681 -5.33 7.41 4.46
C GLY A 681 -6.06 6.24 3.81
N VAL A 682 -5.29 5.28 3.28
CA VAL A 682 -5.89 4.09 2.69
C VAL A 682 -5.56 2.88 3.55
N THR A 683 -6.57 2.33 4.22
CA THR A 683 -6.31 1.36 5.26
C THR A 683 -6.47 -0.09 4.82
N ASN A 684 -7.45 -0.37 3.96
CA ASN A 684 -7.68 -1.74 3.49
C ASN A 684 -6.58 -2.17 2.50
N TRP A 685 -5.56 -2.81 3.03
CA TRP A 685 -4.35 -3.10 2.28
C TRP A 685 -3.85 -4.49 2.65
N THR A 686 -3.14 -5.12 1.72
CA THR A 686 -2.66 -6.48 1.96
C THR A 686 -1.48 -6.82 1.04
N PHE A 687 -1.06 -8.08 1.08
CA PHE A 687 0.03 -8.57 0.25
C PHE A 687 -0.15 -10.06 0.03
N ASP A 688 0.68 -10.64 -0.85
CA ASP A 688 0.75 -12.08 -1.02
C ASP A 688 1.56 -12.68 0.13
N ILE A 689 0.90 -13.36 1.06
CA ILE A 689 1.62 -14.11 2.07
C ILE A 689 2.56 -15.10 1.38
N GLY A 690 3.85 -15.04 1.74
CA GLY A 690 4.82 -15.92 1.13
C GLY A 690 5.50 -15.33 -0.10
N GLY A 691 5.03 -14.17 -0.56
CA GLY A 691 5.57 -13.55 -1.76
C GLY A 691 4.96 -14.15 -3.04
N PHE A 692 4.98 -13.38 -4.13
CA PHE A 692 4.33 -13.86 -5.37
C PHE A 692 5.18 -14.89 -6.12
N THR A 693 6.43 -14.53 -6.41
CA THR A 693 7.32 -15.46 -7.11
C THR A 693 8.48 -15.92 -6.24
N PRO A 694 8.58 -17.23 -6.02
CA PRO A 694 9.74 -17.81 -5.35
C PRO A 694 10.89 -18.01 -6.34
N GLU A 695 12.11 -18.10 -5.83
CA GLU A 695 13.26 -18.48 -6.64
C GLU A 695 13.07 -19.87 -7.23
N ASP A 696 13.84 -20.16 -8.27
CA ASP A 696 13.72 -21.41 -9.00
C ASP A 696 13.93 -22.63 -8.09
N ARG A 697 14.84 -22.48 -7.13
CA ARG A 697 15.12 -23.56 -6.18
C ARG A 697 13.85 -24.02 -5.43
N PHE A 698 12.82 -23.17 -5.38
CA PHE A 698 11.55 -23.57 -4.76
C PHE A 698 10.51 -24.04 -5.78
N ARG A 699 10.59 -23.50 -7.00
CA ARG A 699 9.55 -23.74 -8.00
C ARG A 699 9.67 -25.11 -8.68
N HIS A 700 10.89 -25.65 -8.75
CA HIS A 700 11.07 -27.00 -9.25
C HIS A 700 12.35 -27.62 -8.73
N GLY A 701 12.59 -28.86 -9.13
CA GLY A 701 13.74 -29.58 -8.62
C GLY A 701 13.79 -30.98 -9.19
N LYS A 702 14.41 -31.88 -8.44
CA LYS A 702 14.67 -33.23 -8.91
C LYS A 702 13.40 -33.98 -9.31
N LYS A 703 12.26 -33.56 -8.76
CA LYS A 703 10.99 -34.23 -9.05
C LYS A 703 10.12 -33.43 -10.02
N GLY A 704 10.71 -32.43 -10.67
CA GLY A 704 9.98 -31.57 -11.57
C GLY A 704 9.25 -30.42 -10.87
N PHE A 705 8.09 -30.08 -11.40
CA PHE A 705 7.23 -29.01 -10.89
C PHE A 705 6.86 -29.23 -9.43
N VAL A 706 6.99 -28.19 -8.62
CA VAL A 706 6.66 -28.28 -7.22
C VAL A 706 5.25 -27.73 -6.95
N GLY A 707 4.31 -28.63 -6.69
CA GLY A 707 2.98 -28.25 -6.27
C GLY A 707 2.95 -28.21 -4.76
N SER A 708 2.88 -29.39 -4.15
CA SER A 708 3.01 -29.56 -2.72
C SER A 708 4.49 -29.51 -2.29
N TRP A 709 4.72 -29.16 -1.02
CA TRP A 709 6.06 -29.12 -0.44
C TRP A 709 6.79 -30.47 -0.60
N THR A 710 6.04 -31.55 -0.71
CA THR A 710 6.64 -32.88 -0.82
C THR A 710 7.53 -33.00 -2.06
N ALA A 711 7.33 -32.12 -3.03
CA ALA A 711 8.08 -32.18 -4.27
C ALA A 711 9.37 -31.35 -4.21
N LEU A 712 9.54 -30.54 -3.16
CA LEU A 712 10.76 -29.73 -3.00
C LEU A 712 12.00 -30.60 -2.86
N ASP A 713 13.11 -30.17 -3.45
CA ASP A 713 14.41 -30.74 -3.12
C ASP A 713 14.57 -30.67 -1.61
N ALA A 714 15.11 -31.74 -1.03
CA ALA A 714 15.17 -31.89 0.42
C ALA A 714 15.74 -30.68 1.16
N GLU A 715 16.74 -30.04 0.57
CA GLU A 715 17.46 -28.99 1.28
C GLU A 715 16.72 -27.66 1.24
N GLN A 716 15.62 -27.60 0.52
CA GLN A 716 14.85 -26.36 0.38
C GLN A 716 13.64 -26.34 1.30
N VAL A 717 13.30 -27.50 1.86
CA VAL A 717 12.09 -27.62 2.67
C VAL A 717 12.07 -26.66 3.84
N ASP A 718 13.16 -26.65 4.61
CA ASP A 718 13.20 -25.88 5.85
C ASP A 718 12.91 -24.39 5.63
N GLU A 719 13.61 -23.76 4.68
CA GLU A 719 13.39 -22.34 4.45
C GLU A 719 12.00 -22.05 3.89
N TRP A 720 11.53 -22.90 2.98
CA TRP A 720 10.21 -22.69 2.41
C TRP A 720 9.18 -22.65 3.54
N GLN A 721 9.26 -23.65 4.42
CA GLN A 721 8.32 -23.76 5.52
C GLN A 721 8.48 -22.63 6.55
N GLU A 722 9.71 -22.28 6.89
CA GLU A 722 9.94 -21.20 7.84
C GLU A 722 9.47 -19.84 7.29
N LEU A 723 9.84 -19.55 6.04
CA LEU A 723 9.44 -18.28 5.45
C LEU A 723 7.90 -18.14 5.45
N ASN A 724 7.23 -19.20 5.01
CA ASN A 724 5.77 -19.20 5.02
C ASN A 724 5.15 -19.10 6.43
N THR A 725 5.73 -19.79 7.40
CA THR A 725 5.27 -19.67 8.77
C THR A 725 5.36 -18.23 9.27
N ARG A 726 6.52 -17.59 9.05
CA ARG A 726 6.68 -16.21 9.49
C ARG A 726 5.71 -15.30 8.74
N TRP A 727 5.54 -15.57 7.44
CA TRP A 727 4.71 -14.70 6.64
C TRP A 727 3.21 -14.86 6.92
N TYR A 728 2.78 -16.07 7.28
CA TYR A 728 1.40 -16.26 7.71
C TYR A 728 1.15 -15.51 9.01
N GLN A 729 2.11 -15.58 9.94
CA GLN A 729 2.02 -14.89 11.23
C GLN A 729 1.79 -13.40 11.00
N PHE A 730 2.61 -12.84 10.12
CA PHE A 730 2.56 -11.44 9.74
C PHE A 730 1.22 -11.12 9.08
N GLY A 731 0.83 -11.94 8.11
CA GLY A 731 -0.39 -11.69 7.35
C GLY A 731 -1.64 -11.68 8.21
N ALA A 732 -1.67 -12.53 9.23
CA ALA A 732 -2.81 -12.60 10.13
C ALA A 732 -3.05 -11.24 10.80
N PHE A 733 -2.00 -10.43 10.81
CA PHE A 733 -2.06 -9.13 11.47
C PHE A 733 -1.90 -7.94 10.55
N VAL A 734 -2.37 -8.07 9.30
CA VAL A 734 -2.53 -6.91 8.43
C VAL A 734 -4.00 -6.82 8.02
N PRO A 735 -4.40 -5.68 7.44
CA PRO A 735 -5.85 -5.42 7.32
C PRO A 735 -6.64 -6.51 6.59
N LEU A 736 -6.12 -7.03 5.48
CA LEU A 736 -6.70 -8.22 4.85
C LEU A 736 -5.69 -9.35 4.87
N TYR A 737 -6.20 -10.55 5.15
CA TYR A 737 -5.38 -11.73 5.42
C TYR A 737 -5.51 -12.67 4.23
N ARG A 738 -4.44 -12.78 3.45
CA ARG A 738 -4.54 -13.40 2.13
C ARG A 738 -3.28 -14.14 1.67
N SER A 739 -3.47 -15.43 1.37
CA SER A 739 -2.41 -16.26 0.83
C SER A 739 -2.50 -16.30 -0.70
N HIS A 740 -1.39 -16.03 -1.38
CA HIS A 740 -1.39 -16.07 -2.83
C HIS A 740 0.01 -16.21 -3.40
N GLY A 741 0.09 -16.73 -4.63
CA GLY A 741 1.37 -16.76 -5.33
C GLY A 741 1.49 -17.81 -6.42
N GLN A 742 2.62 -17.76 -7.13
CA GLN A 742 2.98 -18.79 -8.11
C GLN A 742 3.47 -20.02 -7.36
N ASN A 743 3.59 -21.14 -8.07
CA ASN A 743 3.95 -22.40 -7.41
C ASN A 743 5.30 -22.27 -6.68
N PRO A 744 5.49 -23.00 -5.57
CA PRO A 744 4.63 -24.01 -4.95
C PRO A 744 3.22 -23.54 -4.56
N TYR A 745 2.32 -24.50 -4.41
CA TYR A 745 0.99 -24.21 -3.94
C TYR A 745 1.04 -23.60 -2.53
N ARG A 746 0.13 -22.67 -2.22
CA ARG A 746 0.24 -21.91 -0.98
C ARG A 746 -0.79 -22.22 0.10
N GLU A 747 -1.69 -23.16 -0.16
CA GLU A 747 -2.60 -23.62 0.89
C GLU A 747 -1.75 -24.15 2.04
N ILE A 748 -2.19 -23.87 3.26
CA ILE A 748 -1.49 -24.32 4.46
C ILE A 748 -1.11 -25.80 4.37
N PHE A 749 -2.04 -26.63 3.88
CA PHE A 749 -1.82 -28.07 3.84
C PHE A 749 -0.95 -28.48 2.66
N ASN A 750 -0.55 -27.51 1.82
CA ASN A 750 0.42 -27.76 0.77
C ASN A 750 1.82 -27.29 1.15
N ILE A 751 1.90 -26.48 2.18
CA ILE A 751 3.18 -25.99 2.69
C ILE A 751 3.80 -27.00 3.66
N ALA A 752 2.95 -27.72 4.39
CA ALA A 752 3.47 -28.70 5.35
C ALA A 752 2.42 -29.76 5.67
N ASP A 753 2.88 -30.85 6.26
CA ASP A 753 2.00 -31.94 6.66
C ASP A 753 1.25 -31.65 7.96
N GLU A 754 0.08 -32.26 8.09
CA GLU A 754 -0.74 -32.10 9.28
C GLU A 754 0.04 -32.58 10.50
N GLY A 755 -0.11 -31.88 11.63
CA GLY A 755 0.53 -32.31 12.86
C GLY A 755 1.90 -31.70 13.12
N THR A 756 2.56 -31.28 12.05
CA THR A 756 3.88 -30.65 12.18
C THR A 756 3.75 -29.31 12.87
N GLU A 757 4.85 -28.86 13.46
CA GLU A 757 4.88 -27.59 14.15
C GLU A 757 4.46 -26.45 13.23
N VAL A 758 5.00 -26.45 12.01
CA VAL A 758 4.69 -25.34 11.11
C VAL A 758 3.23 -25.36 10.64
N TYR A 759 2.72 -26.54 10.30
CA TYR A 759 1.31 -26.69 9.95
C TYR A 759 0.43 -26.16 11.08
N ASN A 760 0.69 -26.64 12.29
CA ASN A 760 -0.04 -26.20 13.49
C ASN A 760 0.05 -24.72 13.75
N ALA A 761 1.21 -24.13 13.49
CA ALA A 761 1.39 -22.69 13.71
C ALA A 761 0.56 -21.88 12.73
N MET A 762 0.56 -22.29 11.47
CA MET A 762 -0.22 -21.58 10.47
C MET A 762 -1.72 -21.68 10.77
N VAL A 763 -2.17 -22.89 11.13
CA VAL A 763 -3.56 -23.09 11.52
C VAL A 763 -3.92 -22.22 12.75
N TRP A 764 -3.02 -22.14 13.72
CA TRP A 764 -3.27 -21.42 14.97
C TRP A 764 -3.49 -19.91 14.72
N TYR A 765 -2.67 -19.33 13.85
CA TYR A 765 -2.84 -17.92 13.54
C TYR A 765 -4.10 -17.66 12.70
N THR A 766 -4.46 -18.63 11.86
CA THR A 766 -5.70 -18.54 11.11
C THR A 766 -6.89 -18.59 12.06
N LYS A 767 -6.88 -19.53 13.00
CA LYS A 767 -7.93 -19.58 14.02
C LYS A 767 -7.97 -18.32 14.87
N LEU A 768 -6.80 -17.83 15.27
CA LEU A 768 -6.72 -16.61 16.06
C LEU A 768 -7.36 -15.42 15.32
N ARG A 769 -7.15 -15.35 14.01
CA ARG A 769 -7.76 -14.30 13.19
C ARG A 769 -9.28 -14.30 13.42
N TYR A 770 -9.85 -15.50 13.47
CA TYR A 770 -11.27 -15.65 13.67
C TYR A 770 -11.73 -15.45 15.11
N TYR A 771 -10.93 -15.90 16.07
CA TYR A 771 -11.23 -15.59 17.47
C TYR A 771 -11.31 -14.07 17.65
N LEU A 772 -10.41 -13.35 16.97
CA LEU A 772 -10.35 -11.89 17.06
C LEU A 772 -11.37 -11.15 16.20
N MET A 773 -12.22 -11.88 15.48
CA MET A 773 -13.12 -11.21 14.52
C MET A 773 -13.96 -10.06 15.13
N PRO A 774 -14.47 -10.23 16.35
CA PRO A 774 -15.17 -9.12 17.00
C PRO A 774 -14.29 -7.87 17.14
N TYR A 775 -12.99 -8.06 17.38
CA TYR A 775 -12.03 -6.97 17.46
C TYR A 775 -11.76 -6.42 16.06
N ILE A 776 -11.46 -7.33 15.13
CA ILE A 776 -11.05 -6.95 13.79
C ILE A 776 -12.19 -6.24 13.02
N TYR A 777 -13.39 -6.80 13.09
CA TYR A 777 -14.51 -6.20 12.39
C TYR A 777 -14.92 -4.89 13.05
N THR A 778 -14.56 -4.71 14.33
CA THR A 778 -14.76 -3.39 14.91
C THR A 778 -13.88 -2.39 14.18
N LEU A 779 -12.62 -2.76 13.96
CA LEU A 779 -11.73 -1.92 13.15
C LEU A 779 -12.32 -1.71 11.75
N GLY A 780 -12.87 -2.78 11.17
CA GLY A 780 -13.50 -2.69 9.86
C GLY A 780 -14.63 -1.67 9.86
N GLY A 781 -15.47 -1.71 10.89
CA GLY A 781 -16.54 -0.75 11.05
C GLY A 781 -16.01 0.66 11.22
N ASP A 782 -14.94 0.79 12.01
CA ASP A 782 -14.35 2.11 12.26
C ASP A 782 -13.78 2.76 10.99
N THR A 783 -13.27 1.96 10.05
CA THR A 783 -12.68 2.52 8.82
C THR A 783 -13.68 3.48 8.18
N TYR A 784 -14.96 3.11 8.23
CA TYR A 784 -16.03 3.94 7.68
C TYR A 784 -16.59 4.95 8.69
N HIS A 785 -17.10 4.45 9.81
CA HIS A 785 -17.85 5.29 10.74
C HIS A 785 -16.98 6.27 11.51
N LYS A 786 -15.71 5.96 11.67
CA LYS A 786 -14.82 6.84 12.44
C LYS A 786 -13.59 7.23 11.66
N ASP A 787 -13.65 7.15 10.33
CA ASP A 787 -12.48 7.42 9.49
C ASP A 787 -11.23 6.72 10.05
N GLY A 788 -11.41 5.46 10.45
CA GLY A 788 -10.37 4.71 11.13
C GLY A 788 -9.23 4.17 10.27
N THR A 789 -8.15 3.81 10.95
CA THR A 789 -6.96 3.29 10.31
C THR A 789 -6.54 2.01 11.06
N ILE A 790 -6.45 0.91 10.33
CA ILE A 790 -6.24 -0.39 10.92
C ILE A 790 -4.77 -0.68 11.24
N MET A 791 -3.89 -0.48 10.27
CA MET A 791 -2.46 -0.84 10.42
C MET A 791 -1.65 0.43 10.67
N ARG A 792 -1.20 0.61 11.91
CA ARG A 792 -0.81 1.93 12.39
C ARG A 792 0.69 2.08 12.72
N GLY A 793 1.36 2.94 11.98
CA GLY A 793 2.71 3.36 12.36
C GLY A 793 2.71 3.91 13.78
N LEU A 794 3.78 3.61 14.52
CA LEU A 794 3.85 3.96 15.94
C LEU A 794 3.62 5.45 16.25
N VAL A 795 3.88 6.31 15.28
CA VAL A 795 3.70 7.73 15.47
C VAL A 795 2.23 8.06 15.70
N MET A 796 1.33 7.18 15.23
CA MET A 796 -0.10 7.42 15.37
C MET A 796 -0.56 7.35 16.82
N ASP A 797 -0.08 6.35 17.55
CA ASP A 797 -0.49 6.19 18.94
C ASP A 797 0.56 6.65 19.94
N PHE A 798 1.78 6.91 19.47
CA PHE A 798 2.84 7.43 20.33
C PHE A 798 3.55 8.61 19.66
N PRO A 799 2.77 9.66 19.37
CA PRO A 799 3.28 10.80 18.59
C PRO A 799 4.42 11.52 19.30
N ASN A 800 4.46 11.47 20.63
CA ASN A 800 5.48 12.15 21.39
C ASN A 800 6.73 11.32 21.63
N ASP A 801 6.76 10.08 21.13
CA ASP A 801 7.93 9.23 21.31
C ASP A 801 8.78 9.25 20.04
N ARG A 802 9.75 10.16 20.00
CA ARG A 802 10.52 10.41 18.80
C ARG A 802 11.27 9.17 18.31
N LYS A 803 11.60 8.26 19.23
CA LYS A 803 12.28 7.03 18.85
C LYS A 803 11.35 6.10 18.06
N ALA A 804 10.09 6.08 18.46
CA ALA A 804 9.08 5.28 17.76
C ALA A 804 8.84 5.68 16.29
N TRP A 805 9.09 6.94 15.94
CA TRP A 805 8.78 7.43 14.59
C TRP A 805 9.46 6.65 13.49
N ASP A 806 10.74 6.32 13.69
CA ASP A 806 11.59 5.76 12.63
C ASP A 806 11.40 4.26 12.44
N ILE A 807 10.88 3.60 13.47
CA ILE A 807 10.73 2.15 13.47
C ILE A 807 9.98 1.66 12.23
N ASN A 808 10.60 0.69 11.55
CA ASN A 808 10.02 0.14 10.33
C ASN A 808 9.83 -1.38 10.37
N THR A 809 9.81 -1.95 11.57
CA THR A 809 9.62 -3.39 11.74
C THR A 809 8.55 -3.72 12.79
N GLN A 810 7.81 -2.71 13.23
CA GLN A 810 6.73 -2.90 14.21
C GLN A 810 5.60 -1.95 13.88
N TYR A 811 4.39 -2.30 14.30
CA TYR A 811 3.26 -1.39 14.15
C TYR A 811 2.12 -1.80 15.10
N MET A 812 1.14 -0.93 15.26
CA MET A 812 -0.06 -1.26 16.00
C MET A 812 -1.12 -1.80 15.03
N PHE A 813 -1.70 -2.94 15.39
CA PHE A 813 -2.81 -3.51 14.66
C PHE A 813 -4.06 -3.22 15.48
N GLY A 814 -4.81 -2.20 15.09
CA GLY A 814 -5.85 -1.68 15.95
C GLY A 814 -5.20 -1.02 17.16
N PRO A 815 -6.01 -0.63 18.17
CA PRO A 815 -5.50 0.07 19.36
C PRO A 815 -4.77 -0.83 20.36
N ALA A 816 -4.95 -2.14 20.25
CA ALA A 816 -4.43 -3.08 21.28
C ALA A 816 -3.07 -3.71 20.96
N PHE A 817 -2.86 -4.12 19.71
CA PHE A 817 -1.76 -5.03 19.41
C PHE A 817 -0.51 -4.38 18.82
N LEU A 818 0.60 -4.49 19.54
CA LEU A 818 1.91 -4.19 18.98
C LEU A 818 2.44 -5.44 18.26
N VAL A 819 2.54 -5.38 16.93
CA VAL A 819 2.92 -6.52 16.10
C VAL A 819 4.37 -6.41 15.64
N ASN A 820 5.11 -7.50 15.75
CA ASN A 820 6.56 -7.47 15.52
C ASN A 820 7.01 -8.66 14.68
N PRO A 821 6.76 -8.61 13.36
CA PRO A 821 7.02 -9.78 12.52
C PRO A 821 8.49 -10.18 12.55
N VAL A 822 8.75 -11.48 12.44
CA VAL A 822 10.12 -11.98 12.38
C VAL A 822 10.52 -12.09 10.92
N TYR A 823 11.49 -11.29 10.49
CA TYR A 823 11.82 -11.19 9.07
C TYR A 823 13.23 -11.72 8.77
N GLU A 824 13.79 -12.53 9.68
CA GLU A 824 15.12 -13.11 9.45
C GLU A 824 15.09 -14.62 9.58
N TYR A 825 15.60 -15.31 8.57
CA TYR A 825 15.63 -16.76 8.54
C TYR A 825 16.44 -17.30 9.74
N LYS A 826 15.89 -18.31 10.42
CA LYS A 826 16.53 -18.96 11.57
C LYS A 826 16.49 -18.17 12.88
N ALA A 827 16.03 -16.93 12.85
CA ALA A 827 15.94 -16.12 14.06
C ALA A 827 14.96 -16.75 15.04
N ARG A 828 15.35 -16.80 16.31
CA ARG A 828 14.48 -17.34 17.35
C ARG A 828 14.23 -16.28 18.42
N SER A 829 14.57 -15.04 18.08
CA SER A 829 14.17 -13.89 18.87
C SER A 829 14.40 -12.66 18.02
N ARG A 830 13.94 -11.51 18.50
CA ARG A 830 14.22 -10.25 17.82
C ARG A 830 14.04 -9.08 18.79
N ASP A 831 14.75 -7.99 18.54
CA ASP A 831 14.56 -6.78 19.31
C ASP A 831 13.19 -6.21 19.08
N VAL A 832 12.56 -5.80 20.17
CA VAL A 832 11.27 -5.15 20.10
C VAL A 832 11.32 -3.91 20.95
N TYR A 833 11.04 -2.76 20.35
CA TYR A 833 10.92 -1.56 21.14
C TYR A 833 9.50 -1.44 21.67
N LEU A 834 9.37 -1.36 22.98
CA LEU A 834 8.08 -1.08 23.61
C LEU A 834 7.95 0.42 23.79
N PRO A 835 7.01 1.06 23.06
CA PRO A 835 6.84 2.51 23.14
C PRO A 835 6.66 3.02 24.58
N ALA A 836 7.15 4.22 24.85
CA ALA A 836 7.05 4.81 26.18
C ALA A 836 5.64 5.34 26.47
N GLY A 837 5.31 5.47 27.75
CA GLY A 837 4.04 6.03 28.16
C GLY A 837 2.94 5.00 28.39
N SER A 838 3.28 3.73 28.17
CA SER A 838 2.35 2.64 28.42
CA SER A 838 2.35 2.64 28.41
C SER A 838 3.10 1.41 28.87
N ASP A 839 2.44 0.60 29.68
CA ASP A 839 2.96 -0.73 29.96
C ASP A 839 2.40 -1.70 28.93
N TRP A 840 2.96 -2.91 28.89
CA TRP A 840 2.68 -3.85 27.84
C TRP A 840 2.57 -5.26 28.40
N TYR A 841 1.70 -6.07 27.81
CA TYR A 841 1.57 -7.47 28.17
C TYR A 841 1.98 -8.36 27.01
N ASN A 842 2.78 -9.36 27.33
CA ASN A 842 3.00 -10.46 26.39
C ASN A 842 1.65 -11.16 26.16
N PHE A 843 1.19 -11.14 24.92
CA PHE A 843 -0.12 -11.68 24.57
C PHE A 843 -0.24 -13.15 24.93
N TYR A 844 0.86 -13.88 24.79
CA TYR A 844 0.87 -15.34 24.96
C TYR A 844 1.01 -15.80 26.40
N THR A 845 1.71 -15.03 27.23
CA THR A 845 2.04 -15.46 28.59
C THR A 845 1.40 -14.61 29.70
N GLY A 846 1.04 -13.38 29.39
CA GLY A 846 0.53 -12.46 30.39
C GLY A 846 1.60 -11.67 31.13
N GLU A 847 2.87 -11.88 30.79
CA GLU A 847 3.94 -11.12 31.45
C GLU A 847 3.79 -9.63 31.17
N LYS A 848 3.90 -8.82 32.21
CA LYS A 848 3.77 -7.37 32.09
C LYS A 848 5.15 -6.72 32.03
N LEU A 849 5.30 -5.76 31.12
CA LEU A 849 6.58 -5.09 30.89
C LEU A 849 6.36 -3.59 30.83
N ALA A 850 7.36 -2.83 31.27
CA ALA A 850 7.24 -1.38 31.26
C ALA A 850 7.58 -0.86 29.87
N GLY A 851 6.94 0.24 29.48
CA GLY A 851 7.24 0.89 28.21
C GLY A 851 8.54 1.68 28.25
N GLY A 852 9.00 2.08 27.07
CA GLY A 852 10.18 2.92 26.95
C GLY A 852 11.50 2.16 27.01
N GLN A 853 11.50 0.94 26.49
CA GLN A 853 12.70 0.12 26.50
C GLN A 853 12.68 -0.82 25.29
N THR A 854 13.86 -1.26 24.87
CA THR A 854 13.98 -2.30 23.87
C THR A 854 14.30 -3.62 24.55
N ILE A 855 13.57 -4.66 24.19
CA ILE A 855 13.83 -5.98 24.72
C ILE A 855 14.21 -6.97 23.61
N THR A 856 14.84 -8.06 24.01
CA THR A 856 15.02 -9.18 23.12
C THR A 856 13.81 -10.08 23.34
N ALA A 857 12.81 -9.95 22.48
CA ALA A 857 11.59 -10.72 22.59
C ALA A 857 11.79 -12.14 22.09
N ASP A 858 11.35 -13.11 22.89
CA ASP A 858 11.35 -14.50 22.46
C ASP A 858 10.50 -14.67 21.19
N ALA A 859 11.06 -15.34 20.18
CA ALA A 859 10.36 -15.54 18.93
C ALA A 859 10.63 -16.94 18.39
N PRO A 860 10.15 -17.97 19.09
CA PRO A 860 10.26 -19.32 18.53
C PRO A 860 9.60 -19.32 17.16
N LEU A 861 9.96 -20.30 16.34
CA LEU A 861 9.39 -20.43 15.01
C LEU A 861 7.86 -20.35 15.04
N ALA A 862 7.25 -20.99 16.02
CA ALA A 862 5.79 -21.09 16.06
C ALA A 862 5.07 -19.80 16.43
N ARG A 863 5.78 -18.76 16.89
CA ARG A 863 5.13 -17.53 17.33
C ARG A 863 5.77 -16.23 16.86
N VAL A 864 4.93 -15.25 16.54
CA VAL A 864 5.39 -13.88 16.29
C VAL A 864 5.23 -13.05 17.58
N PRO A 865 6.28 -12.34 17.99
CA PRO A 865 6.17 -11.53 19.21
C PRO A 865 5.00 -10.56 19.13
N LEU A 866 4.12 -10.63 20.13
CA LEU A 866 2.89 -9.85 20.16
C LEU A 866 2.73 -9.29 21.56
N PHE A 867 2.57 -7.98 21.65
CA PHE A 867 2.34 -7.35 22.94
C PHE A 867 1.06 -6.55 22.93
N VAL A 868 0.37 -6.55 24.06
CA VAL A 868 -0.88 -5.81 24.22
C VAL A 868 -0.68 -4.59 25.12
N LYS A 869 -1.20 -3.46 24.67
CA LYS A 869 -1.11 -2.19 25.37
C LYS A 869 -2.00 -2.22 26.61
N ALA A 870 -1.44 -1.86 27.76
CA ALA A 870 -2.20 -1.85 28.99
C ALA A 870 -3.41 -0.92 28.85
N GLY A 871 -4.55 -1.36 29.36
CA GLY A 871 -5.78 -0.59 29.18
C GLY A 871 -6.57 -1.07 27.97
N ALA A 872 -5.98 -1.96 27.17
CA ALA A 872 -6.69 -2.55 26.03
C ALA A 872 -7.87 -3.39 26.50
N ILE A 873 -8.95 -3.32 25.74
CA ILE A 873 -10.11 -4.17 25.96
C ILE A 873 -10.34 -4.95 24.67
N VAL A 874 -10.01 -6.23 24.69
CA VAL A 874 -10.07 -7.04 23.49
C VAL A 874 -11.24 -8.04 23.50
N PRO A 875 -12.23 -7.82 22.63
CA PRO A 875 -13.31 -8.82 22.54
C PRO A 875 -12.92 -9.97 21.58
N THR A 876 -13.12 -11.22 22.02
CA THR A 876 -13.02 -12.38 21.14
C THR A 876 -14.35 -13.12 21.08
N GLY A 877 -14.48 -13.98 20.08
CA GLY A 877 -15.69 -14.77 19.89
C GLY A 877 -15.30 -16.23 19.92
N PRO A 878 -16.28 -17.12 19.69
CA PRO A 878 -15.92 -18.54 19.66
C PRO A 878 -15.14 -18.87 18.37
N LEU A 879 -14.58 -20.07 18.29
CA LEU A 879 -14.00 -20.57 17.06
C LEU A 879 -15.07 -20.73 15.99
N ILE A 880 -14.84 -20.12 14.83
CA ILE A 880 -15.76 -20.21 13.71
C ILE A 880 -14.96 -20.47 12.44
N GLN A 881 -15.61 -21.05 11.42
CA GLN A 881 -14.92 -21.34 10.15
C GLN A 881 -15.06 -20.25 9.10
N HIS A 882 -15.95 -19.29 9.34
CA HIS A 882 -16.15 -18.19 8.41
C HIS A 882 -17.06 -17.16 9.10
N VAL A 883 -17.03 -15.92 8.65
CA VAL A 883 -17.54 -14.82 9.46
C VAL A 883 -19.01 -14.89 9.88
N ASP A 884 -19.89 -15.32 8.98
CA ASP A 884 -21.31 -15.33 9.30
C ASP A 884 -21.63 -16.29 10.46
N GLU A 885 -20.82 -17.34 10.62
CA GLU A 885 -21.01 -18.27 11.72
C GLU A 885 -20.87 -17.52 13.05
N GLY A 886 -20.18 -16.38 13.00
CA GLY A 886 -19.90 -15.61 14.20
C GLY A 886 -20.88 -14.48 14.47
N LEU A 887 -21.87 -14.30 13.61
CA LEU A 887 -22.82 -13.21 13.83
C LEU A 887 -23.56 -13.47 15.13
N ASN A 888 -23.74 -12.44 15.96
CA ASN A 888 -24.43 -12.58 17.24
C ASN A 888 -23.74 -13.55 18.20
N SER A 889 -22.44 -13.76 18.03
CA SER A 889 -21.75 -14.75 18.85
C SER A 889 -21.63 -14.36 20.34
N PRO A 890 -21.45 -15.36 21.20
CA PRO A 890 -21.05 -15.12 22.60
C PRO A 890 -19.70 -14.41 22.57
N LEU A 891 -19.46 -13.56 23.55
CA LEU A 891 -18.23 -12.79 23.57
C LEU A 891 -17.44 -13.04 24.85
N LEU A 892 -16.12 -13.05 24.69
CA LEU A 892 -15.20 -12.95 25.81
C LEU A 892 -14.59 -11.56 25.76
N ILE A 893 -14.77 -10.81 26.84
CA ILE A 893 -14.14 -9.49 26.96
C ILE A 893 -12.93 -9.61 27.84
N THR A 894 -11.75 -9.41 27.27
CA THR A 894 -10.51 -9.51 28.02
C THR A 894 -9.97 -8.11 28.24
N VAL A 895 -9.89 -7.72 29.51
CA VAL A 895 -9.35 -6.43 29.92
C VAL A 895 -7.89 -6.60 30.35
N TYR A 896 -7.01 -5.82 29.73
CA TYR A 896 -5.61 -5.80 30.11
C TYR A 896 -5.41 -4.62 31.07
N THR A 897 -5.35 -4.92 32.37
CA THR A 897 -5.40 -3.89 33.41
C THR A 897 -4.12 -3.04 33.49
N GLY A 898 -4.16 -2.00 34.32
CA GLY A 898 -3.01 -1.12 34.49
C GLY A 898 -3.24 0.28 33.93
N ALA A 899 -4.33 0.46 33.19
CA ALA A 899 -4.72 1.79 32.72
C ALA A 899 -6.18 1.75 32.28
N ASN A 900 -6.80 2.91 32.14
CA ASN A 900 -8.19 2.96 31.69
C ASN A 900 -8.33 2.49 30.26
N GLY A 901 -9.51 2.01 29.92
CA GLY A 901 -9.74 1.52 28.58
C GLY A 901 -11.10 1.89 28.02
N SER A 902 -11.22 1.74 26.71
CA SER A 902 -12.44 2.09 26.03
C SER A 902 -12.43 1.45 24.65
N PHE A 903 -13.44 0.64 24.38
CA PHE A 903 -13.57 -0.05 23.10
C PHE A 903 -15.04 -0.31 22.87
N ASP A 904 -15.58 0.18 21.75
CA ASP A 904 -16.99 -0.05 21.44
C ASP A 904 -17.13 -1.06 20.30
N ILE A 905 -17.66 -2.24 20.62
CA ILE A 905 -17.76 -3.29 19.63
C ILE A 905 -18.79 -2.94 18.56
N TYR A 906 -18.33 -2.89 17.30
CA TYR A 906 -19.20 -2.58 16.19
C TYR A 906 -19.73 -3.87 15.57
N GLU A 907 -21.04 -3.96 15.42
CA GLU A 907 -21.63 -5.12 14.75
C GLU A 907 -22.75 -4.68 13.79
N ASP A 908 -22.92 -5.46 12.71
CA ASP A 908 -23.99 -5.22 11.75
C ASP A 908 -24.17 -6.51 10.94
N ASP A 909 -24.99 -6.49 9.88
CA ASP A 909 -25.23 -7.75 9.17
C ASP A 909 -24.04 -8.21 8.33
N GLY A 910 -23.07 -7.33 8.12
CA GLY A 910 -21.84 -7.67 7.42
C GLY A 910 -21.90 -7.77 5.89
N ARG A 911 -23.08 -7.59 5.30
CA ARG A 911 -23.24 -7.85 3.87
C ARG A 911 -23.98 -6.79 3.09
N SER A 912 -24.89 -6.08 3.73
CA SER A 912 -25.80 -5.18 3.03
C SER A 912 -25.34 -3.73 3.15
N LEU A 913 -26.08 -2.83 2.52
CA LEU A 913 -25.78 -1.40 2.64
C LEU A 913 -26.62 -0.75 3.73
N LYS A 914 -27.39 -1.56 4.44
CA LYS A 914 -28.27 -1.02 5.47
C LYS A 914 -27.53 -0.23 6.55
N TYR A 915 -26.24 -0.53 6.78
CA TYR A 915 -25.48 0.20 7.79
C TYR A 915 -25.48 1.69 7.43
N GLN A 916 -25.65 2.00 6.16
CA GLN A 916 -25.66 3.39 5.70
C GLN A 916 -26.94 4.10 6.14
N GLN A 917 -28.02 3.34 6.37
CA GLN A 917 -29.25 3.89 6.93
C GLN A 917 -29.31 3.76 8.45
N GLY A 918 -28.16 3.56 9.08
CA GLY A 918 -28.12 3.47 10.54
C GLY A 918 -28.34 2.07 11.10
N GLU A 919 -28.37 1.06 10.25
CA GLU A 919 -28.52 -0.31 10.74
C GLU A 919 -27.19 -0.90 11.16
N TRP A 920 -26.85 -0.67 12.43
CA TRP A 920 -25.64 -1.20 13.05
C TRP A 920 -25.78 -0.98 14.54
N SER A 921 -24.90 -1.61 15.31
CA SER A 921 -24.93 -1.41 16.74
C SER A 921 -23.53 -1.30 17.29
N ARG A 922 -23.43 -0.68 18.45
CA ARG A 922 -22.20 -0.66 19.22
CA ARG A 922 -22.19 -0.71 19.20
C ARG A 922 -22.49 -1.11 20.64
N ILE A 923 -21.63 -1.94 21.19
CA ILE A 923 -21.73 -2.34 22.57
C ILE A 923 -20.51 -1.71 23.22
N PRO A 924 -20.73 -0.60 23.95
CA PRO A 924 -19.64 0.23 24.47
C PRO A 924 -19.02 -0.46 25.68
N LEU A 925 -17.69 -0.55 25.68
CA LEU A 925 -16.95 -1.11 26.80
C LEU A 925 -16.04 -0.03 27.36
N SER A 926 -16.08 0.18 28.66
CA SER A 926 -15.14 1.12 29.27
C SER A 926 -14.61 0.58 30.59
N TYR A 927 -13.31 0.70 30.77
CA TYR A 927 -12.66 0.15 31.94
C TYR A 927 -12.01 1.26 32.74
N ASP A 928 -12.25 1.23 34.05
CA ASP A 928 -11.69 2.17 34.99
C ASP A 928 -10.70 1.42 35.87
N ASP A 929 -9.42 1.70 35.69
CA ASP A 929 -8.40 0.90 36.39
C ASP A 929 -8.33 1.18 37.89
N VAL A 930 -8.70 2.39 38.33
CA VAL A 930 -8.67 2.71 39.75
C VAL A 930 -9.68 1.89 40.55
N THR A 931 -10.89 1.76 40.03
CA THR A 931 -11.93 0.96 40.68
C THR A 931 -11.93 -0.50 40.20
N GLY A 932 -11.18 -0.79 39.14
CA GLY A 932 -11.13 -2.14 38.61
C GLY A 932 -12.47 -2.58 38.04
N THR A 933 -13.18 -1.65 37.40
CA THR A 933 -14.54 -1.92 36.96
C THR A 933 -14.70 -1.80 35.46
N LEU A 934 -15.17 -2.87 34.84
CA LEU A 934 -15.52 -2.84 33.44
C LEU A 934 -17.02 -2.59 33.30
N ILE A 935 -17.39 -1.57 32.54
CA ILE A 935 -18.79 -1.33 32.23
C ILE A 935 -19.10 -1.72 30.78
N ILE A 936 -20.03 -2.64 30.61
CA ILE A 936 -20.62 -2.89 29.31
C ILE A 936 -21.85 -2.00 29.28
N GLY A 937 -21.78 -0.93 28.50
CA GLY A 937 -22.82 0.08 28.49
C GLY A 937 -24.08 -0.28 27.73
N ASP A 938 -25.03 0.66 27.70
CA ASP A 938 -26.26 0.50 26.92
C ASP A 938 -25.88 0.32 25.46
N ARG A 939 -26.50 -0.65 24.80
CA ARG A 939 -26.27 -0.87 23.39
C ARG A 939 -26.77 0.33 22.58
N VAL A 940 -25.96 0.78 21.62
CA VAL A 940 -26.39 1.85 20.72
C VAL A 940 -26.79 1.25 19.39
N GLY A 941 -28.01 1.57 18.93
CA GLY A 941 -28.49 1.11 17.64
C GLY A 941 -28.95 -0.34 17.59
N SER A 942 -29.38 -0.77 16.40
CA SER A 942 -29.66 -2.18 16.13
C SER A 942 -29.74 -2.39 14.63
N PHE A 943 -29.89 -3.63 14.22
CA PHE A 943 -29.93 -3.96 12.80
C PHE A 943 -30.70 -5.24 12.55
N THR A 944 -31.13 -5.43 11.32
CA THR A 944 -31.91 -6.62 10.95
C THR A 944 -31.06 -7.87 11.16
N GLY A 945 -31.56 -8.79 11.98
CA GLY A 945 -30.83 -10.00 12.31
C GLY A 945 -30.10 -9.98 13.65
N MET A 946 -30.03 -8.81 14.28
CA MET A 946 -29.36 -8.67 15.56
C MET A 946 -30.10 -9.37 16.70
N ALA A 947 -29.34 -10.11 17.51
CA ALA A 947 -29.87 -10.73 18.74
C ALA A 947 -30.01 -9.70 19.85
N ASP A 948 -31.19 -9.64 20.46
CA ASP A 948 -31.41 -8.76 21.59
C ASP A 948 -30.54 -9.21 22.77
N GLU A 949 -30.38 -10.51 22.95
CA GLU A 949 -29.65 -11.05 24.08
C GLU A 949 -28.31 -11.66 23.69
N ARG A 950 -27.29 -11.43 24.51
CA ARG A 950 -25.94 -11.91 24.22
C ARG A 950 -25.34 -12.52 25.48
N ASN A 951 -24.59 -13.60 25.32
CA ASN A 951 -23.83 -14.12 26.44
C ASN A 951 -22.42 -13.55 26.39
N ILE A 952 -22.09 -12.76 27.39
CA ILE A 952 -20.80 -12.08 27.44
C ILE A 952 -20.09 -12.47 28.71
N ARG A 953 -18.84 -12.91 28.60
CA ARG A 953 -18.04 -13.15 29.78
C ARG A 953 -16.82 -12.23 29.81
N VAL A 954 -16.40 -11.89 31.02
CA VAL A 954 -15.40 -10.86 31.23
C VAL A 954 -14.26 -11.37 32.09
N ARG A 955 -13.03 -11.17 31.65
CA ARG A 955 -11.86 -11.52 32.45
C ARG A 955 -10.86 -10.37 32.43
N PHE A 956 -9.96 -10.40 33.41
CA PHE A 956 -8.97 -9.36 33.56
C PHE A 956 -7.58 -9.99 33.60
N ILE A 957 -6.68 -9.49 32.77
CA ILE A 957 -5.30 -9.96 32.78
C ILE A 957 -4.41 -8.88 33.40
N ALA A 958 -3.69 -9.24 34.46
CA ALA A 958 -2.85 -8.29 35.17
C ALA A 958 -1.42 -8.79 35.28
N GLY A 959 -1.15 -9.93 34.66
CA GLY A 959 0.15 -10.55 34.78
C GLY A 959 0.11 -11.98 34.28
N PRO A 960 1.20 -12.71 34.44
CA PRO A 960 1.36 -14.08 33.92
C PRO A 960 0.13 -14.95 34.19
N THR A 961 -0.38 -15.59 33.16
CA THR A 961 -1.47 -16.55 33.28
C THR A 961 -1.40 -17.62 32.18
N ALA A 962 -1.60 -18.87 32.57
CA ALA A 962 -1.53 -19.99 31.65
C ALA A 962 -2.65 -19.96 30.63
N ASP A 963 -3.71 -19.20 30.91
CA ASP A 963 -4.86 -19.14 30.02
C ASP A 963 -4.87 -17.89 29.14
N ALA A 964 -3.71 -17.28 28.95
CA ALA A 964 -3.63 -16.00 28.23
C ALA A 964 -4.32 -16.04 26.89
N THR A 965 -4.14 -17.13 26.15
CA THR A 965 -4.80 -17.28 24.85
C THR A 965 -5.76 -18.46 24.81
N ASN A 966 -6.11 -19.00 25.97
CA ASN A 966 -7.12 -20.05 26.01
C ASN A 966 -8.52 -19.45 26.18
N PHE A 967 -9.04 -18.93 25.07
CA PHE A 967 -10.25 -18.13 25.09
C PHE A 967 -11.45 -18.92 25.62
N ASP A 968 -11.60 -20.15 25.18
CA ASP A 968 -12.79 -20.94 25.52
C ASP A 968 -12.80 -21.33 26.99
N LYS A 969 -11.62 -21.61 27.53
CA LYS A 969 -11.48 -22.24 28.84
C LYS A 969 -11.17 -21.25 29.98
N ALA A 970 -10.73 -20.04 29.63
CA ALA A 970 -10.31 -19.08 30.64
C ALA A 970 -11.40 -18.80 31.66
N ALA A 971 -11.02 -18.69 32.93
CA ALA A 971 -11.95 -18.28 33.95
C ALA A 971 -12.41 -16.87 33.62
N ALA A 972 -13.71 -16.63 33.71
CA ALA A 972 -14.30 -15.35 33.36
C ALA A 972 -15.65 -15.23 34.03
N GLU A 973 -16.07 -14.01 34.36
CA GLU A 973 -17.40 -13.81 34.92
C GLU A 973 -18.41 -13.66 33.78
N ALA A 974 -19.48 -14.44 33.83
CA ALA A 974 -20.44 -14.48 32.75
C ALA A 974 -21.65 -13.61 33.05
N VAL A 975 -22.14 -12.94 32.02
CA VAL A 975 -23.27 -12.04 32.13
C VAL A 975 -24.26 -12.33 31.00
N THR A 976 -25.55 -12.26 31.30
CA THR A 976 -26.56 -12.28 30.26
C THR A 976 -26.89 -10.84 29.88
N TYR A 977 -26.38 -10.39 28.75
CA TYR A 977 -26.54 -9.01 28.34
C TYR A 977 -27.78 -8.82 27.44
N THR A 978 -28.62 -7.85 27.78
CA THR A 978 -29.80 -7.59 26.95
C THR A 978 -29.84 -6.16 26.42
N GLY A 979 -28.68 -5.51 26.32
CA GLY A 979 -28.63 -4.15 25.83
C GLY A 979 -28.53 -3.09 26.92
N LYS A 980 -28.81 -3.47 28.16
CA LYS A 980 -28.73 -2.51 29.26
C LYS A 980 -27.39 -2.61 29.99
N SER A 981 -26.90 -1.48 30.46
CA SER A 981 -25.62 -1.38 31.11
C SER A 981 -25.47 -2.34 32.31
N VAL A 982 -24.34 -3.06 32.33
CA VAL A 982 -23.93 -3.88 33.48
C VAL A 982 -22.46 -3.61 33.79
N SER A 983 -22.11 -3.72 35.07
CA SER A 983 -20.75 -3.52 35.54
C SER A 983 -20.17 -4.81 36.09
N ILE A 984 -18.94 -5.11 35.71
CA ILE A 984 -18.26 -6.29 36.21
C ILE A 984 -17.01 -5.83 36.94
N LYS A 985 -16.86 -6.26 38.18
CA LYS A 985 -15.71 -5.86 38.96
C LYS A 985 -14.58 -6.88 38.82
N ARG A 986 -13.38 -6.35 38.64
CA ARG A 986 -12.16 -7.11 38.67
C ARG A 986 -12.14 -7.94 39.96
N PRO A 987 -11.80 -9.24 39.87
CA PRO A 987 -11.70 -10.03 41.09
C PRO A 987 -10.57 -9.49 41.99
N ARG A 988 -10.83 -9.39 43.30
CA ARG A 988 -9.88 -8.82 44.25
C ARG A 988 -8.49 -9.44 44.15
NI NI B . -20.36 -22.85 8.45
NI NI C . -25.11 -17.62 -4.22
NI NI D . 16.04 -25.06 -12.45
S SO4 E . 12.28 -11.63 29.06
O1 SO4 E . 12.06 -10.67 30.12
O2 SO4 E . 11.35 -12.75 29.20
O3 SO4 E . 12.06 -10.96 27.77
O4 SO4 E . 13.66 -12.12 29.11
S SO4 F . 15.76 13.35 -17.28
O1 SO4 F . 16.96 14.18 -17.11
O2 SO4 F . 15.49 12.66 -16.02
O3 SO4 F . 14.65 14.20 -17.67
O4 SO4 F . 15.99 12.35 -18.33
S SO4 G . -5.03 19.64 -22.16
O1 SO4 G . -5.37 21.07 -22.07
O2 SO4 G . -4.19 19.27 -21.02
O3 SO4 G . -6.25 18.84 -22.17
O4 SO4 G . -4.31 19.40 -23.40
CL CL H . -17.60 -32.27 12.93
CL CL I . -19.51 -24.71 7.12
CL CL J . -18.97 -24.20 10.00
CL CL K . -21.42 -23.15 10.71
CL CL L . -21.58 -25.11 8.89
CL CL M . -22.48 -23.07 7.39
CAA PXN N . 5.86 -19.58 -18.11
CAB PXN N . -0.49 -13.32 -15.33
CAC PXN N . 4.36 -15.35 -16.36
OAD PXN N . 5.00 -15.95 -17.49
CAE PXN N . 5.01 -17.36 -17.28
CAF PXN N . 5.74 -18.09 -18.41
OAG PXN N . 5.06 -17.85 -19.65
OAH PXN N . -0.54 -13.15 -12.85
CAI PXN N . 0.10 -13.77 -13.98
CAJ PXN N . 1.59 -13.46 -13.91
OAK PXN N . 2.28 -14.02 -15.02
CAL PXN N . 3.62 -13.49 -14.97
CAM PXN N . 4.29 -13.82 -16.28
CAN PXN N . 5.62 -13.14 -16.41
OAO PXN N . 6.17 -13.41 -17.72
CAP PXN N . 7.35 -12.59 -17.82
CAQ PXN N . 8.11 -12.71 -19.14
OAR PXN N . 7.25 -12.31 -20.22
OAS PXN N . 2.44 -8.99 -15.07
CAT PXN N . 3.23 -9.62 -16.12
CAU PXN N . 2.90 -11.10 -16.24
OAV PXN N . 3.65 -11.69 -17.30
CAW PXN N . 3.57 -13.16 -17.45
CAX PXN N . 8.64 -14.13 -19.32
CAY PXN N . 3.14 -8.93 -17.48
CL CL O . -27.65 -17.16 -4.67
#